data_9KYD
#
_entry.id   9KYD
#
_cell.length_a   1.00
_cell.length_b   1.00
_cell.length_c   1.00
_cell.angle_alpha   90.00
_cell.angle_beta   90.00
_cell.angle_gamma   90.00
#
_symmetry.space_group_name_H-M   'P 1'
#
loop_
_entity.id
_entity.type
_entity.pdbx_description
1 polymer 'Pertussis toxin-like subunit ArtA'
2 polymer 'Subtilase cytotoxin subunit B'
#
loop_
_entity_poly.entity_id
_entity_poly.type
_entity_poly.pdbx_seq_one_letter_code
_entity_poly.pdbx_strand_id
1 'polypeptide(L)'
;MKKLILLTLIIASFDIYAIDFVYRVDPNPPDVIFRDGFSLLGYNRDLQQLISGRSCAGGSSDSRYIVTTSDINKTYAIAR
AYYSHSKFKGNLYRYKIRADNNFYSLTPSVNYLESQGGHFNAYEKSMIRLQSEYVSTLSILPENIQKAVALVYDSSTGQI
KDGTSTINTDYVSISSVSNPGVIPFLPEPQANTQQRIDAFGSLISSCFSIYSVCQTHRGQKTEVYKMPFYDARPVIQFII
SGN
;
B
2 'polypeptide(L)'
;MKKITSVCALLSLICSFNASAEWTGDYENIGYFSHEVISEFHVGQIDGGAYFCIKAVKADGSRSTPLIACSVSNESVWAP
SFKVLLEQARYFYVTEQSVRIYYDHNVWTNQPFVNTFSTNALVGLSSCSAATDCFGPGKPKSKSKRDVEQ
;
C,D,E,F,G
#
# COMPACT_ATOMS: atom_id res chain seq x y z
N ILE A 19 22.83 6.94 9.56
CA ILE A 19 22.96 8.16 10.35
C ILE A 19 24.20 8.93 9.93
N ASP A 20 25.07 8.27 9.18
CA ASP A 20 26.30 8.88 8.71
C ASP A 20 26.70 8.26 7.38
N PHE A 21 27.50 9.01 6.62
CA PHE A 21 27.97 8.60 5.30
C PHE A 21 26.78 8.26 4.39
N VAL A 22 25.97 9.28 4.12
CA VAL A 22 24.78 9.10 3.30
C VAL A 22 25.18 8.87 1.85
N TYR A 23 24.41 8.03 1.15
CA TYR A 23 24.75 7.61 -0.20
C TYR A 23 23.77 8.21 -1.20
N ARG A 24 24.32 8.86 -2.22
CA ARG A 24 23.51 9.50 -3.26
C ARG A 24 23.90 8.97 -4.63
N VAL A 25 22.91 8.72 -5.47
CA VAL A 25 23.12 8.16 -6.81
C VAL A 25 23.11 9.31 -7.81
N ASP A 26 24.22 9.47 -8.55
CA ASP A 26 24.30 10.41 -9.66
C ASP A 26 25.02 9.75 -10.83
N PRO A 27 24.56 9.96 -12.08
CA PRO A 27 25.20 9.38 -13.25
C PRO A 27 26.32 10.24 -13.82
N ASN A 28 27.27 10.64 -12.97
CA ASN A 28 28.39 11.43 -13.43
C ASN A 28 29.70 10.77 -13.03
N PRO A 29 30.71 10.83 -13.89
CA PRO A 29 32.01 10.29 -13.52
C PRO A 29 32.58 11.07 -12.34
N PRO A 30 33.38 10.42 -11.50
CA PRO A 30 33.89 11.09 -10.29
C PRO A 30 34.68 12.37 -10.57
N ASP A 31 35.37 12.46 -11.70
CA ASP A 31 36.17 13.65 -11.97
C ASP A 31 35.31 14.91 -12.11
N VAL A 32 34.01 14.77 -12.30
CA VAL A 32 33.10 15.90 -12.37
C VAL A 32 32.47 16.19 -11.01
N ILE A 33 31.95 15.17 -10.34
CA ILE A 33 31.30 15.37 -9.05
C ILE A 33 32.31 15.77 -7.99
N PHE A 34 33.48 15.15 -8.00
CA PHE A 34 34.52 15.49 -7.03
C PHE A 34 35.13 16.85 -7.28
N ARG A 35 34.82 17.49 -8.41
CA ARG A 35 35.19 18.88 -8.68
C ARG A 35 34.03 19.83 -8.42
N ASP A 36 32.88 19.57 -9.03
CA ASP A 36 31.66 20.36 -8.85
C ASP A 36 30.62 19.46 -8.20
N GLY A 37 30.54 19.52 -6.88
CA GLY A 37 29.68 18.62 -6.13
C GLY A 37 28.22 19.00 -6.22
N PHE A 38 27.40 18.24 -5.50
CA PHE A 38 25.97 18.51 -5.45
C PHE A 38 25.72 19.87 -4.82
N SER A 39 24.72 20.58 -5.34
CA SER A 39 24.35 21.90 -4.82
C SER A 39 22.85 22.08 -4.92
N LEU A 40 22.38 23.16 -4.30
CA LEU A 40 20.95 23.45 -4.29
C LEU A 40 20.46 23.78 -5.69
N LEU A 41 19.27 23.28 -6.03
CA LEU A 41 18.65 23.56 -7.32
C LEU A 41 17.57 24.62 -7.25
N GLY A 42 17.41 25.29 -6.10
CA GLY A 42 16.39 26.31 -5.98
C GLY A 42 16.37 26.97 -4.61
N TYR A 43 15.20 27.49 -4.22
CA TYR A 43 15.07 28.21 -2.96
C TYR A 43 13.88 27.78 -2.12
N ASN A 44 13.08 26.82 -2.56
CA ASN A 44 11.93 26.37 -1.77
C ASN A 44 12.40 25.63 -0.53
N ARG A 45 12.36 26.29 0.62
CA ARG A 45 12.86 25.72 1.86
C ARG A 45 11.77 25.03 2.69
N ASP A 46 10.55 24.95 2.19
CA ASP A 46 9.49 24.29 2.93
C ASP A 46 9.74 22.78 2.99
N LEU A 47 9.12 22.14 3.97
CA LEU A 47 9.37 20.73 4.24
C LEU A 47 8.25 19.82 3.76
N GLN A 48 7.01 20.31 3.73
CA GLN A 48 5.89 19.49 3.26
C GLN A 48 6.04 19.13 1.79
N GLN A 49 6.51 20.07 0.96
CA GLN A 49 6.66 19.82 -0.47
C GLN A 49 7.86 18.96 -0.80
N LEU A 50 8.77 18.74 0.14
CA LEU A 50 9.92 17.86 -0.10
C LEU A 50 9.52 16.40 -0.14
N ILE A 51 8.70 15.94 0.81
CA ILE A 51 8.19 14.57 0.73
C ILE A 51 7.20 14.43 -0.40
N SER A 52 6.35 15.44 -0.61
CA SER A 52 5.36 15.40 -1.68
C SER A 52 5.99 15.44 -3.07
N GLY A 53 7.29 15.73 -3.17
CA GLY A 53 7.95 15.80 -4.46
C GLY A 53 7.48 16.97 -5.31
N ARG A 54 7.14 18.09 -4.68
CA ARG A 54 6.79 19.30 -5.40
C ARG A 54 8.00 20.17 -5.71
N SER A 55 9.04 20.09 -4.90
CA SER A 55 10.28 20.82 -5.13
C SER A 55 11.40 19.93 -5.65
N CYS A 56 11.07 18.71 -6.08
CA CYS A 56 12.07 17.73 -6.51
C CYS A 56 11.63 17.13 -7.85
N ALA A 57 11.98 17.79 -8.95
CA ALA A 57 11.93 17.21 -10.29
C ALA A 57 10.54 16.79 -10.73
N GLY A 58 9.53 17.03 -9.91
CA GLY A 58 8.17 16.65 -10.26
C GLY A 58 7.24 17.84 -10.31
N GLY A 59 7.64 18.92 -9.64
CA GLY A 59 6.86 20.13 -9.61
C GLY A 59 7.72 21.36 -9.87
N SER A 60 7.73 22.30 -8.93
CA SER A 60 8.53 23.50 -9.09
C SER A 60 10.01 23.18 -9.24
N SER A 61 10.49 22.13 -8.56
CA SER A 61 11.89 21.69 -8.62
C SER A 61 12.83 22.82 -8.20
N ASP A 62 12.64 23.29 -6.98
CA ASP A 62 13.45 24.36 -6.43
C ASP A 62 13.81 24.08 -4.98
N SER A 63 14.19 22.82 -4.68
CA SER A 63 14.49 22.44 -3.32
C SER A 63 15.71 23.17 -2.78
N ARG A 64 15.64 23.52 -1.50
CA ARG A 64 16.80 24.00 -0.75
C ARG A 64 17.57 22.87 -0.10
N TYR A 65 17.02 21.65 -0.14
CA TYR A 65 17.63 20.50 0.49
C TYR A 65 18.04 19.49 -0.56
N ILE A 66 19.19 18.85 -0.37
CA ILE A 66 19.60 17.70 -1.16
C ILE A 66 19.36 16.46 -0.32
N VAL A 67 18.60 15.52 -0.86
CA VAL A 67 18.10 14.37 -0.10
C VAL A 67 18.95 13.16 -0.42
N THR A 68 19.49 12.52 0.62
CA THR A 68 20.36 11.37 0.47
C THR A 68 19.92 10.26 1.41
N THR A 69 20.09 9.01 0.98
CA THR A 69 19.74 7.89 1.84
C THR A 69 20.90 7.55 2.78
N SER A 70 20.54 7.06 3.96
CA SER A 70 21.52 6.60 4.94
C SER A 70 21.82 5.11 4.84
N ASP A 71 21.12 4.39 3.98
CA ASP A 71 21.34 2.96 3.80
C ASP A 71 21.76 2.66 2.38
N ILE A 72 22.57 1.62 2.22
CA ILE A 72 23.06 1.23 0.91
C ILE A 72 21.94 0.60 0.08
N ASN A 73 20.98 -0.07 0.74
CA ASN A 73 19.97 -0.83 0.01
C ASN A 73 19.09 0.07 -0.86
N LYS A 74 18.73 1.25 -0.35
CA LYS A 74 17.92 2.16 -1.17
C LYS A 74 18.69 2.66 -2.38
N THR A 75 20.02 2.72 -2.28
CA THR A 75 20.82 3.08 -3.46
C THR A 75 20.67 2.04 -4.55
N TYR A 76 20.74 0.76 -4.19
CA TYR A 76 20.50 -0.30 -5.18
C TYR A 76 19.06 -0.26 -5.69
N ALA A 77 18.12 0.12 -4.83
CA ALA A 77 16.74 0.28 -5.29
C ALA A 77 16.65 1.37 -6.35
N ILE A 78 17.32 2.49 -6.14
CA ILE A 78 17.34 3.58 -7.12
C ILE A 78 17.99 3.11 -8.42
N ALA A 79 19.11 2.41 -8.31
CA ALA A 79 19.82 1.94 -9.50
C ALA A 79 18.96 0.97 -10.29
N ARG A 80 18.28 0.04 -9.60
CA ARG A 80 17.39 -0.90 -10.29
C ARG A 80 16.22 -0.17 -10.93
N ALA A 81 15.68 0.84 -10.25
CA ALA A 81 14.56 1.60 -10.79
C ALA A 81 14.97 2.33 -12.07
N TYR A 82 16.17 2.91 -12.08
CA TYR A 82 16.57 3.70 -13.25
C TYR A 82 17.06 2.81 -14.39
N TYR A 83 17.70 1.69 -14.07
CA TYR A 83 18.26 0.81 -15.09
C TYR A 83 17.21 -0.08 -15.75
N SER A 84 15.97 -0.08 -15.27
CA SER A 84 14.94 -1.00 -15.74
C SER A 84 13.85 -0.27 -16.52
N HIS A 85 14.24 0.70 -17.35
CA HIS A 85 13.29 1.37 -18.23
C HIS A 85 13.74 1.44 -19.68
N SER A 86 14.90 0.88 -20.02
CA SER A 86 15.37 0.75 -21.40
C SER A 86 15.58 2.09 -22.08
N LYS A 87 15.47 3.19 -21.32
CA LYS A 87 15.70 4.52 -21.85
C LYS A 87 16.77 5.29 -21.08
N PHE A 88 17.29 4.73 -19.99
CA PHE A 88 18.35 5.36 -19.21
C PHE A 88 19.70 5.02 -19.84
N LYS A 89 20.05 5.77 -20.87
CA LYS A 89 21.35 5.60 -21.54
C LYS A 89 22.41 6.32 -20.72
N GLY A 90 23.29 5.56 -20.10
CA GLY A 90 24.37 6.14 -19.31
C GLY A 90 24.75 5.21 -18.17
N ASN A 91 25.68 5.71 -17.36
CA ASN A 91 26.19 4.99 -16.20
C ASN A 91 25.49 5.48 -14.94
N LEU A 92 25.95 4.98 -13.79
CA LEU A 92 25.46 5.44 -12.50
C LEU A 92 26.57 5.28 -11.48
N TYR A 93 26.48 6.05 -10.40
CA TYR A 93 27.53 6.05 -9.39
C TYR A 93 26.93 6.33 -8.02
N ARG A 94 27.24 5.46 -7.05
CA ARG A 94 26.94 5.74 -5.66
C ARG A 94 28.05 6.60 -5.05
N TYR A 95 27.67 7.71 -4.46
CA TYR A 95 28.61 8.63 -3.82
C TYR A 95 28.36 8.60 -2.32
N LYS A 96 29.42 8.38 -1.55
CA LYS A 96 29.37 8.43 -0.11
C LYS A 96 29.71 9.84 0.37
N ILE A 97 28.84 10.43 1.19
CA ILE A 97 29.00 11.78 1.68
C ILE A 97 29.06 11.74 3.20
N ARG A 98 30.09 12.37 3.76
CA ARG A 98 30.20 12.49 5.21
C ARG A 98 29.19 13.52 5.70
N ALA A 99 28.23 13.08 6.51
CA ALA A 99 27.21 13.99 7.02
C ALA A 99 27.84 15.05 7.90
N ASP A 100 27.45 16.30 7.67
CA ASP A 100 27.95 17.45 8.41
C ASP A 100 26.85 17.99 9.32
N ASN A 101 27.12 19.11 9.97
CA ASN A 101 26.11 19.77 10.78
C ASN A 101 24.91 20.19 9.94
N ASN A 102 25.13 20.47 8.66
CA ASN A 102 24.05 20.78 7.73
C ASN A 102 23.49 19.53 7.08
N PHE A 103 23.10 18.56 7.91
CA PHE A 103 22.52 17.30 7.45
C PHE A 103 21.50 16.88 8.49
N TYR A 104 20.22 17.05 8.16
CA TYR A 104 19.14 16.85 9.12
C TYR A 104 18.29 15.65 8.72
N SER A 105 18.07 14.75 9.68
CA SER A 105 17.14 13.65 9.47
C SER A 105 15.72 14.19 9.34
N LEU A 106 14.91 13.48 8.57
CA LEU A 106 13.58 13.98 8.25
C LEU A 106 12.56 13.75 9.36
N THR A 107 12.86 12.88 10.33
CA THR A 107 11.88 12.65 11.39
C THR A 107 11.82 13.83 12.37
N PRO A 108 12.94 14.25 13.02
CA PRO A 108 12.80 15.30 14.03
C PRO A 108 12.72 16.67 13.39
N SER A 109 12.02 16.74 12.26
CA SER A 109 11.62 17.99 11.65
C SER A 109 10.19 17.93 11.14
N VAL A 110 9.53 16.78 11.24
CA VAL A 110 8.14 16.65 10.87
C VAL A 110 7.22 16.73 12.07
N ASN A 111 7.52 15.96 13.12
CA ASN A 111 6.74 16.02 14.36
C ASN A 111 6.70 17.45 14.90
N TYR A 112 7.83 18.14 14.87
CA TYR A 112 7.85 19.55 15.26
C TYR A 112 6.88 20.36 14.42
N LEU A 113 6.90 20.17 13.10
CA LEU A 113 5.92 20.82 12.25
C LEU A 113 4.50 20.36 12.59
N GLU A 114 4.36 19.09 12.95
CA GLU A 114 3.06 18.60 13.39
C GLU A 114 2.66 19.20 14.73
N SER A 115 3.65 19.63 15.53
CA SER A 115 3.34 20.24 16.81
C SER A 115 2.72 21.61 16.64
N GLN A 116 3.22 22.41 15.68
CA GLN A 116 2.72 23.75 15.47
C GLN A 116 1.47 23.80 14.59
N GLY A 117 1.03 22.67 14.06
CA GLY A 117 -0.19 22.66 13.26
C GLY A 117 -0.02 22.06 11.88
N GLY A 118 1.06 21.30 11.68
CA GLY A 118 1.29 20.67 10.39
C GLY A 118 0.33 19.53 10.12
N HIS A 119 0.16 19.23 8.85
CA HIS A 119 -0.74 18.18 8.39
C HIS A 119 0.08 17.19 7.56
N PHE A 120 0.71 16.23 8.24
CA PHE A 120 1.49 15.18 7.60
C PHE A 120 0.76 13.87 7.84
N ASN A 121 -0.05 13.46 6.87
CA ASN A 121 -0.93 12.32 7.03
C ASN A 121 -0.13 11.02 6.98
N ALA A 122 -0.82 9.89 7.01
CA ALA A 122 -0.14 8.60 7.02
C ALA A 122 0.60 8.37 5.71
N TYR A 123 0.08 8.91 4.61
CA TYR A 123 0.75 8.75 3.32
C TYR A 123 2.12 9.43 3.32
N GLU A 124 2.21 10.65 3.87
CA GLU A 124 3.50 11.30 4.01
C GLU A 124 4.33 10.68 5.13
N LYS A 125 3.70 10.33 6.25
CA LYS A 125 4.40 9.75 7.39
C LYS A 125 4.98 8.37 7.09
N SER A 126 4.48 7.68 6.08
CA SER A 126 4.90 6.33 5.76
C SER A 126 6.06 6.26 4.78
N MET A 127 6.56 7.40 4.32
CA MET A 127 7.66 7.42 3.36
C MET A 127 8.96 7.96 3.94
N ILE A 128 8.96 8.43 5.19
CA ILE A 128 10.23 8.71 5.85
C ILE A 128 10.86 7.42 6.34
N ARG A 129 10.06 6.46 6.82
CA ARG A 129 10.62 5.16 7.18
C ARG A 129 11.07 4.40 5.94
N LEU A 130 10.33 4.53 4.83
CA LEU A 130 10.69 3.85 3.61
C LEU A 130 11.93 4.46 2.98
N GLN A 131 11.97 5.78 2.89
CA GLN A 131 13.11 6.51 2.33
C GLN A 131 13.89 7.08 3.52
N SER A 132 15.03 6.47 3.83
CA SER A 132 15.83 6.91 4.96
C SER A 132 16.47 8.25 4.59
N GLU A 133 15.63 9.29 4.58
CA GLU A 133 15.97 10.59 4.02
C GLU A 133 16.81 11.38 5.02
N TYR A 134 17.94 11.88 4.57
CA TYR A 134 18.72 12.88 5.29
C TYR A 134 18.91 14.04 4.33
N VAL A 135 18.49 15.23 4.75
CA VAL A 135 18.46 16.40 3.87
C VAL A 135 19.58 17.34 4.27
N SER A 136 20.28 17.86 3.26
CA SER A 136 21.34 18.83 3.46
C SER A 136 20.81 20.19 3.03
N THR A 137 20.83 21.16 3.95
CA THR A 137 20.42 22.52 3.66
C THR A 137 21.61 23.38 3.27
N LEU A 138 22.41 22.86 2.33
CA LEU A 138 23.62 23.52 1.85
C LEU A 138 24.20 22.69 0.72
N SER A 139 24.93 23.33 -0.19
CA SER A 139 25.55 22.61 -1.30
C SER A 139 26.52 21.56 -0.77
N ILE A 140 26.41 20.35 -1.30
CA ILE A 140 27.28 19.25 -0.89
C ILE A 140 28.63 19.48 -1.56
N LEU A 141 29.57 20.07 -0.82
CA LEU A 141 30.88 20.35 -1.37
C LEU A 141 31.65 19.05 -1.60
N PRO A 142 32.61 19.05 -2.52
CA PRO A 142 33.40 17.83 -2.75
C PRO A 142 34.18 17.36 -1.54
N GLU A 143 34.43 18.24 -0.57
CA GLU A 143 35.20 17.85 0.62
C GLU A 143 34.50 16.80 1.45
N ASN A 144 33.20 16.57 1.22
CA ASN A 144 32.44 15.59 1.98
C ASN A 144 32.33 14.25 1.29
N ILE A 145 32.59 14.18 -0.01
CA ILE A 145 32.47 12.92 -0.75
C ILE A 145 33.71 12.08 -0.55
N GLN A 146 33.52 10.79 -0.29
CA GLN A 146 34.61 9.87 -0.01
C GLN A 146 34.68 8.71 -1.00
N LYS A 147 33.55 8.05 -1.26
CA LYS A 147 33.51 6.83 -2.08
C LYS A 147 32.75 7.14 -3.35
N ALA A 148 33.28 6.69 -4.50
CA ALA A 148 32.55 6.79 -5.76
C ALA A 148 32.50 5.39 -6.40
N VAL A 149 31.44 4.64 -6.12
CA VAL A 149 31.34 3.25 -6.55
C VAL A 149 30.47 3.19 -7.80
N ALA A 150 31.04 2.70 -8.89
CA ALA A 150 30.28 2.56 -10.13
C ALA A 150 29.24 1.44 -9.99
N LEU A 151 28.03 1.73 -10.44
CA LEU A 151 26.91 0.78 -10.38
C LEU A 151 26.64 0.31 -11.80
N VAL A 152 27.07 -0.90 -12.13
CA VAL A 152 26.98 -1.43 -13.49
C VAL A 152 25.77 -2.35 -13.60
N TYR A 153 25.09 -2.28 -14.74
CA TYR A 153 23.94 -3.13 -15.03
C TYR A 153 24.38 -4.22 -16.00
N ASP A 154 24.96 -5.28 -15.45
CA ASP A 154 25.43 -6.38 -16.28
C ASP A 154 24.25 -7.09 -16.93
N SER A 155 24.45 -7.51 -18.19
CA SER A 155 23.41 -8.23 -18.92
C SER A 155 23.17 -9.63 -18.35
N SER A 156 24.05 -10.12 -17.48
CA SER A 156 23.90 -11.44 -16.87
C SER A 156 23.27 -11.29 -15.50
N THR A 157 22.11 -11.93 -15.31
CA THR A 157 21.37 -12.01 -14.04
C THR A 157 20.71 -10.67 -13.72
N GLY A 158 21.03 -9.63 -14.47
CA GLY A 158 20.31 -8.36 -14.40
C GLY A 158 20.22 -7.73 -13.03
N GLN A 159 21.30 -7.73 -12.27
CA GLN A 159 21.31 -7.15 -10.95
C GLN A 159 22.49 -6.18 -10.81
N ILE A 160 22.26 -5.14 -10.03
CA ILE A 160 23.24 -4.05 -9.92
C ILE A 160 24.49 -4.56 -9.20
N LYS A 161 25.65 -4.27 -9.79
CA LYS A 161 26.93 -4.70 -9.25
C LYS A 161 27.83 -3.50 -9.05
N ASP A 162 28.63 -3.54 -7.98
CA ASP A 162 29.57 -2.47 -7.70
C ASP A 162 30.79 -2.58 -8.62
N GLY A 163 31.03 -1.54 -9.41
CA GLY A 163 32.18 -1.52 -10.29
C GLY A 163 33.41 -0.94 -9.62
N THR A 164 34.17 -0.12 -10.35
CA THR A 164 35.35 0.50 -9.78
C THR A 164 34.96 1.51 -8.71
N SER A 165 35.72 1.51 -7.61
CA SER A 165 35.45 2.37 -6.48
C SER A 165 36.52 3.47 -6.43
N THR A 166 36.20 4.62 -7.00
CA THR A 166 37.09 5.77 -6.96
C THR A 166 37.24 6.27 -5.53
N ILE A 167 38.48 6.47 -5.11
CA ILE A 167 38.86 6.83 -3.75
C ILE A 167 39.93 7.91 -3.89
N ASN A 168 39.69 9.08 -3.32
CA ASN A 168 40.68 10.15 -3.35
C ASN A 168 40.73 10.87 -2.01
N THR A 169 41.78 11.66 -1.82
CA THR A 169 42.08 12.31 -0.56
C THR A 169 41.34 13.63 -0.36
N ASP A 170 40.25 13.85 -1.10
CA ASP A 170 39.47 15.07 -0.92
C ASP A 170 38.76 15.07 0.44
N TYR A 171 38.47 13.89 0.98
CA TYR A 171 37.76 13.79 2.25
C TYR A 171 38.56 14.42 3.37
N VAL A 172 37.85 15.10 4.27
CA VAL A 172 38.44 15.75 5.43
C VAL A 172 37.99 14.99 6.68
N SER A 173 38.95 14.59 7.50
CA SER A 173 38.66 13.77 8.68
C SER A 173 38.13 14.67 9.79
N ILE A 174 36.80 14.79 9.85
CA ILE A 174 36.14 15.52 10.91
C ILE A 174 35.21 14.56 11.65
N SER A 175 34.72 13.55 10.92
CA SER A 175 33.85 12.51 11.48
C SER A 175 32.60 13.10 12.12
N SER A 176 32.09 14.19 11.56
CA SER A 176 30.88 14.82 12.08
C SER A 176 29.67 13.94 11.82
N VAL A 177 28.66 14.08 12.68
CA VAL A 177 27.43 13.32 12.56
C VAL A 177 26.32 14.24 12.10
N SER A 178 25.29 13.64 11.47
CA SER A 178 24.14 14.41 11.03
C SER A 178 23.40 14.98 12.23
N ASN A 179 22.97 16.24 12.11
CA ASN A 179 22.29 16.90 13.21
C ASN A 179 20.91 16.27 13.41
N PRO A 180 20.59 15.83 14.63
CA PRO A 180 19.27 15.24 14.90
C PRO A 180 18.20 16.23 15.32
N GLY A 181 18.43 17.53 15.18
CA GLY A 181 17.47 18.54 15.57
C GLY A 181 16.52 18.89 14.44
N VAL A 182 15.92 20.07 14.56
CA VAL A 182 15.00 20.55 13.54
C VAL A 182 15.77 21.40 12.53
N ILE A 183 15.18 21.54 11.34
CA ILE A 183 15.81 22.32 10.28
C ILE A 183 15.56 23.80 10.54
N PRO A 184 16.60 24.60 10.70
CA PRO A 184 16.39 26.04 10.97
C PRO A 184 15.78 26.75 9.78
N PHE A 185 15.10 27.86 10.08
CA PHE A 185 14.46 28.72 9.10
C PHE A 185 13.40 27.99 8.28
N LEU A 186 12.88 26.89 8.81
CA LEU A 186 11.85 26.15 8.11
C LEU A 186 10.54 26.94 8.13
N PRO A 187 9.94 27.21 6.97
CA PRO A 187 8.72 28.02 6.94
C PRO A 187 7.57 27.38 7.70
N GLU A 188 6.48 28.14 7.82
CA GLU A 188 5.33 27.69 8.57
C GLU A 188 4.73 26.46 7.91
N PRO A 189 4.30 25.45 8.69
CA PRO A 189 3.74 24.24 8.08
C PRO A 189 2.47 24.54 7.30
N GLN A 190 2.28 23.80 6.21
CA GLN A 190 1.12 23.98 5.35
C GLN A 190 -0.01 23.08 5.85
N ALA A 191 -1.14 23.69 6.18
CA ALA A 191 -2.29 22.93 6.67
C ALA A 191 -2.99 22.20 5.54
N ASN A 192 -3.52 21.02 5.87
CA ASN A 192 -4.24 20.17 4.91
C ASN A 192 -3.39 19.88 3.68
N THR A 193 -3.93 20.18 2.50
CA THR A 193 -3.26 20.01 1.22
C THR A 193 -2.78 18.56 1.03
N GLN A 194 -3.74 17.65 0.97
CA GLN A 194 -3.46 16.26 0.66
C GLN A 194 -3.09 16.17 -0.82
N GLN A 195 -1.80 16.21 -1.12
CA GLN A 195 -1.31 16.34 -2.48
C GLN A 195 -0.66 15.03 -2.94
N ARG A 196 -0.11 15.07 -4.14
CA ARG A 196 0.67 13.96 -4.67
C ARG A 196 1.95 13.79 -3.87
N ILE A 197 2.51 12.58 -3.91
CA ILE A 197 3.76 12.31 -3.20
C ILE A 197 4.87 12.12 -4.22
N ASP A 198 4.52 11.62 -5.40
CA ASP A 198 5.45 11.54 -6.52
C ASP A 198 6.67 10.68 -6.20
N ALA A 199 6.48 9.37 -6.06
CA ALA A 199 7.61 8.47 -5.87
C ALA A 199 7.83 7.68 -7.14
N PHE A 200 9.10 7.36 -7.44
CA PHE A 200 9.44 6.60 -8.62
C PHE A 200 9.97 5.22 -8.26
N GLY A 201 10.05 4.35 -9.27
CA GLY A 201 10.56 3.01 -9.07
C GLY A 201 9.73 2.17 -8.13
N SER A 202 10.32 1.80 -6.99
CA SER A 202 9.62 1.00 -5.97
C SER A 202 9.53 1.86 -4.71
N LEU A 203 8.51 2.72 -4.68
CA LEU A 203 8.26 3.64 -3.57
C LEU A 203 9.54 4.33 -3.11
N ILE A 204 10.17 5.02 -4.05
CA ILE A 204 11.34 5.85 -3.79
C ILE A 204 10.93 7.31 -4.02
N SER A 205 10.99 8.12 -2.98
CA SER A 205 10.60 9.52 -3.07
C SER A 205 11.42 10.22 -4.14
N SER A 206 10.76 11.04 -4.95
CA SER A 206 11.42 11.60 -6.13
C SER A 206 12.27 12.81 -5.77
N CYS A 207 13.09 12.68 -4.73
CA CYS A 207 14.13 13.66 -4.45
C CYS A 207 15.46 12.96 -4.69
N PHE A 208 15.39 11.63 -4.78
CA PHE A 208 16.58 10.81 -5.03
C PHE A 208 16.87 10.74 -6.52
N SER A 209 15.91 11.13 -7.35
CA SER A 209 16.11 11.21 -8.80
C SER A 209 17.25 12.17 -9.11
N ILE A 210 17.93 11.98 -10.24
CA ILE A 210 19.05 12.85 -10.59
C ILE A 210 18.60 14.30 -10.73
N TYR A 211 17.49 14.52 -11.42
CA TYR A 211 17.07 15.87 -11.78
C TYR A 211 16.36 16.55 -10.62
N SER A 212 16.49 15.98 -9.42
CA SER A 212 16.14 16.65 -8.18
C SER A 212 17.35 17.34 -7.57
N VAL A 213 18.42 17.49 -8.35
CA VAL A 213 19.68 18.09 -7.92
C VAL A 213 20.02 19.17 -8.96
N CYS A 214 21.21 19.75 -8.82
CA CYS A 214 21.61 20.93 -9.58
C CYS A 214 22.36 20.55 -10.83
N GLN A 215 21.98 19.45 -11.49
CA GLN A 215 22.82 18.86 -12.51
C GLN A 215 22.92 19.74 -13.75
N THR A 216 23.64 20.85 -13.61
CA THR A 216 24.05 21.66 -14.75
C THR A 216 25.47 22.17 -14.48
N HIS A 217 26.46 21.43 -14.96
CA HIS A 217 27.86 21.83 -14.87
C HIS A 217 28.37 22.42 -16.16
N ARG A 218 28.25 21.70 -17.27
CA ARG A 218 28.54 22.24 -18.59
C ARG A 218 27.25 22.79 -19.21
N GLY A 219 27.27 23.11 -20.49
CA GLY A 219 26.08 23.57 -21.17
C GLY A 219 25.13 22.46 -21.55
N GLN A 220 25.69 21.30 -21.90
CA GLN A 220 24.90 20.12 -22.26
C GLN A 220 25.36 18.88 -21.51
N LYS A 221 25.88 19.05 -20.29
CA LYS A 221 26.55 18.03 -19.50
C LYS A 221 25.86 16.67 -19.47
N THR A 222 24.65 16.61 -18.90
CA THR A 222 24.00 15.34 -18.60
C THR A 222 22.56 15.40 -19.13
N GLU A 223 22.36 14.84 -20.33
CA GLU A 223 21.01 14.73 -20.89
C GLU A 223 20.60 13.27 -20.81
N VAL A 224 20.08 12.89 -19.65
CA VAL A 224 19.51 11.58 -19.45
C VAL A 224 18.00 11.74 -19.27
N TYR A 225 17.26 10.68 -19.58
CA TYR A 225 15.82 10.73 -19.39
C TYR A 225 15.51 10.91 -17.90
N LYS A 226 14.61 11.85 -17.61
CA LYS A 226 14.49 12.34 -16.24
C LYS A 226 14.00 11.27 -15.28
N MET A 227 12.71 10.94 -15.36
CA MET A 227 12.04 9.80 -14.73
C MET A 227 10.55 9.87 -15.03
N PRO A 228 9.85 8.74 -15.08
CA PRO A 228 8.39 8.80 -14.89
C PRO A 228 8.04 8.70 -13.41
N PHE A 229 7.44 9.75 -12.86
CA PHE A 229 7.02 9.72 -11.46
C PHE A 229 5.54 9.35 -11.37
N TYR A 230 5.25 8.35 -10.55
CA TYR A 230 3.88 7.96 -10.26
C TYR A 230 3.47 8.49 -8.89
N ASP A 231 2.17 8.43 -8.61
CA ASP A 231 1.66 8.81 -7.30
C ASP A 231 1.89 7.67 -6.32
N ALA A 232 2.50 7.99 -5.19
CA ALA A 232 2.88 6.99 -4.20
C ALA A 232 1.75 6.64 -3.25
N ARG A 233 0.88 7.60 -2.95
CA ARG A 233 -0.11 7.37 -1.91
C ARG A 233 -1.18 6.34 -2.29
N PRO A 234 -1.57 6.18 -3.58
CA PRO A 234 -2.37 4.98 -3.91
C PRO A 234 -1.60 3.70 -3.63
N VAL A 235 -0.29 3.72 -3.85
CA VAL A 235 0.55 2.55 -3.60
C VAL A 235 0.70 2.30 -2.10
N ILE A 236 0.86 3.36 -1.31
CA ILE A 236 0.89 3.19 0.14
C ILE A 236 -0.44 2.63 0.63
N GLN A 237 -1.56 3.13 0.08
CA GLN A 237 -2.85 2.54 0.39
C GLN A 237 -2.91 1.07 -0.01
N PHE A 238 -2.27 0.72 -1.13
CA PHE A 238 -2.23 -0.66 -1.58
C PHE A 238 -1.50 -1.55 -0.58
N ILE A 239 -0.37 -1.08 -0.05
CA ILE A 239 0.42 -1.93 0.85
C ILE A 239 -0.16 -1.96 2.26
N ILE A 240 -0.65 -0.83 2.77
CA ILE A 240 -1.19 -0.83 4.13
C ILE A 240 -2.49 -1.63 4.21
N SER A 241 -3.31 -1.57 3.17
CA SER A 241 -4.58 -2.30 3.17
C SER A 241 -4.33 -3.78 2.90
N GLY A 242 -5.40 -4.56 2.94
CA GLY A 242 -5.29 -5.99 2.72
C GLY A 242 -5.09 -6.37 1.27
N ASN A 243 -4.14 -5.71 0.61
CA ASN A 243 -3.85 -5.97 -0.80
C ASN A 243 -2.37 -6.24 -1.01
N GLU B 22 -26.73 -9.34 -17.50
CA GLU B 22 -26.46 -7.95 -17.17
C GLU B 22 -24.99 -7.61 -17.44
N TRP B 23 -24.75 -6.35 -17.80
CA TRP B 23 -23.39 -5.90 -18.10
C TRP B 23 -23.37 -4.38 -18.07
N THR B 24 -22.24 -3.81 -17.66
CA THR B 24 -22.07 -2.37 -17.65
C THR B 24 -21.96 -1.78 -19.04
N GLY B 25 -21.69 -2.59 -20.06
CA GLY B 25 -21.64 -2.15 -21.43
C GLY B 25 -22.98 -2.09 -22.12
N ASP B 26 -24.08 -2.37 -21.42
CA ASP B 26 -25.42 -2.30 -22.00
C ASP B 26 -25.83 -0.83 -22.01
N TYR B 27 -25.37 -0.13 -23.06
CA TYR B 27 -25.62 1.30 -23.18
C TYR B 27 -27.10 1.62 -23.33
N GLU B 28 -27.92 0.63 -23.71
CA GLU B 28 -29.36 0.87 -23.85
C GLU B 28 -30.01 1.18 -22.51
N ASN B 29 -29.51 0.60 -21.42
CA ASN B 29 -30.05 0.85 -20.09
C ASN B 29 -29.04 1.36 -19.09
N ILE B 30 -27.79 0.90 -19.14
CA ILE B 30 -26.75 1.35 -18.23
C ILE B 30 -26.10 2.58 -18.85
N GLY B 31 -26.32 3.74 -18.24
CA GLY B 31 -25.72 4.96 -18.74
C GLY B 31 -24.35 5.19 -18.16
N TYR B 32 -23.69 6.26 -18.61
CA TYR B 32 -22.37 6.58 -18.08
C TYR B 32 -22.08 8.05 -18.29
N PHE B 33 -21.11 8.54 -17.54
CA PHE B 33 -20.60 9.89 -17.68
C PHE B 33 -19.07 9.81 -17.62
N SER B 34 -18.41 10.38 -18.61
CA SER B 34 -16.97 10.25 -18.75
C SER B 34 -16.26 11.47 -18.18
N HIS B 35 -15.02 11.25 -17.74
CA HIS B 35 -14.14 12.31 -17.23
C HIS B 35 -14.76 12.99 -16.00
N GLU B 36 -15.11 12.18 -15.01
CA GLU B 36 -15.70 12.67 -13.77
C GLU B 36 -14.88 12.15 -12.60
N VAL B 37 -14.12 13.04 -11.97
CA VAL B 37 -13.33 12.65 -10.80
C VAL B 37 -14.26 12.48 -9.60
N ILE B 38 -14.10 11.38 -8.87
CA ILE B 38 -14.91 11.11 -7.69
C ILE B 38 -14.58 12.16 -6.63
N SER B 39 -15.54 13.01 -6.31
CA SER B 39 -15.30 14.12 -5.40
C SER B 39 -15.62 13.78 -3.94
N GLU B 40 -16.72 13.08 -3.70
CA GLU B 40 -17.17 12.79 -2.33
C GLU B 40 -17.47 11.31 -2.19
N PHE B 41 -17.23 10.80 -0.99
CA PHE B 41 -17.45 9.40 -0.66
C PHE B 41 -18.37 9.29 0.56
N HIS B 42 -19.12 8.19 0.61
CA HIS B 42 -19.97 7.92 1.76
C HIS B 42 -20.15 6.41 1.89
N VAL B 43 -20.12 5.91 3.13
CA VAL B 43 -20.30 4.49 3.40
C VAL B 43 -21.25 4.34 4.58
N GLY B 44 -22.12 3.34 4.50
CA GLY B 44 -23.03 3.07 5.58
C GLY B 44 -23.67 1.73 5.38
N GLN B 45 -24.86 1.55 5.97
CA GLN B 45 -25.63 0.34 5.70
C GLN B 45 -27.10 0.69 5.64
N ILE B 46 -27.79 0.14 4.64
CA ILE B 46 -29.22 0.31 4.46
C ILE B 46 -29.86 -1.06 4.60
N ASP B 47 -30.80 -1.19 5.54
CA ASP B 47 -31.40 -2.49 5.91
C ASP B 47 -30.25 -3.40 6.36
N GLY B 48 -30.14 -4.61 5.84
CA GLY B 48 -29.13 -5.55 6.28
C GLY B 48 -27.72 -5.21 5.85
N GLY B 49 -27.47 -5.27 4.54
CA GLY B 49 -26.13 -5.11 4.03
C GLY B 49 -25.66 -3.67 3.97
N ALA B 50 -24.36 -3.52 3.73
CA ALA B 50 -23.73 -2.21 3.65
C ALA B 50 -23.90 -1.62 2.25
N TYR B 51 -23.56 -0.34 2.14
CA TYR B 51 -23.65 0.39 0.88
C TYR B 51 -22.61 1.50 0.87
N PHE B 52 -22.28 1.94 -0.34
CA PHE B 52 -21.37 3.06 -0.52
C PHE B 52 -21.82 3.90 -1.71
N CYS B 53 -21.71 5.22 -1.55
CA CYS B 53 -22.12 6.18 -2.56
C CYS B 53 -20.97 7.12 -2.88
N ILE B 54 -20.93 7.58 -4.13
CA ILE B 54 -19.89 8.48 -4.62
C ILE B 54 -20.56 9.64 -5.34
N LYS B 55 -20.05 10.84 -5.08
CA LYS B 55 -20.45 12.05 -5.79
C LYS B 55 -19.29 12.48 -6.68
N ALA B 56 -19.57 12.63 -7.97
CA ALA B 56 -18.55 12.92 -8.97
C ALA B 56 -18.92 14.18 -9.74
N VAL B 57 -17.95 15.08 -9.87
CA VAL B 57 -18.08 16.30 -10.67
C VAL B 57 -17.02 16.24 -11.75
N LYS B 58 -17.40 16.68 -12.97
CA LYS B 58 -16.48 16.63 -14.10
C LYS B 58 -15.20 17.40 -13.79
N ALA B 59 -14.07 16.78 -14.11
CA ALA B 59 -12.79 17.43 -13.86
C ALA B 59 -12.63 18.72 -14.66
N ASP B 60 -13.27 18.78 -15.83
CA ASP B 60 -13.25 20.01 -16.61
C ASP B 60 -14.01 21.14 -15.91
N GLY B 61 -14.99 20.79 -15.08
CA GLY B 61 -15.78 21.77 -14.37
C GLY B 61 -16.92 22.36 -15.15
N SER B 62 -17.15 21.91 -16.39
CA SER B 62 -18.23 22.47 -17.19
C SER B 62 -19.61 22.10 -16.67
N ARG B 63 -19.77 20.87 -16.21
CA ARG B 63 -21.08 20.43 -15.72
C ARG B 63 -21.41 21.07 -14.38
N SER B 64 -22.71 21.23 -14.13
CA SER B 64 -23.20 21.83 -12.89
C SER B 64 -23.79 20.79 -11.95
N THR B 65 -24.75 20.01 -12.43
CA THR B 65 -25.36 18.97 -11.61
C THR B 65 -24.41 17.78 -11.50
N PRO B 66 -23.99 17.40 -10.30
CA PRO B 66 -23.04 16.30 -10.16
C PRO B 66 -23.73 14.94 -10.30
N LEU B 67 -22.92 13.93 -10.58
CA LEU B 67 -23.37 12.55 -10.65
C LEU B 67 -23.31 11.94 -9.26
N ILE B 68 -24.32 11.16 -8.89
CA ILE B 68 -24.41 10.54 -7.58
C ILE B 68 -24.69 9.07 -7.81
N ALA B 69 -23.71 8.21 -7.59
CA ALA B 69 -23.83 6.79 -7.89
C ALA B 69 -23.62 5.98 -6.63
N CYS B 70 -24.57 5.10 -6.31
CA CYS B 70 -24.52 4.29 -5.11
C CYS B 70 -24.39 2.81 -5.47
N SER B 71 -24.11 2.01 -4.45
CA SER B 71 -24.06 0.56 -4.62
C SER B 71 -24.35 -0.07 -3.26
N VAL B 72 -25.35 -0.94 -3.22
CA VAL B 72 -25.76 -1.62 -1.99
C VAL B 72 -25.34 -3.08 -2.09
N SER B 73 -24.73 -3.58 -1.01
CA SER B 73 -24.15 -4.93 -1.03
C SER B 73 -25.18 -6.04 -1.05
N ASN B 74 -26.46 -5.75 -0.78
CA ASN B 74 -27.45 -6.82 -0.67
C ASN B 74 -28.79 -6.49 -1.28
N GLU B 75 -28.92 -5.43 -2.08
CA GLU B 75 -30.21 -5.03 -2.61
C GLU B 75 -30.31 -5.13 -4.12
N SER B 76 -29.39 -4.52 -4.86
CA SER B 76 -29.54 -4.41 -6.30
C SER B 76 -29.08 -5.69 -7.00
N VAL B 77 -29.35 -5.74 -8.30
CA VAL B 77 -28.79 -6.81 -9.13
C VAL B 77 -27.27 -6.69 -9.19
N TRP B 78 -26.74 -5.48 -9.05
CA TRP B 78 -25.31 -5.24 -9.05
C TRP B 78 -24.67 -5.46 -7.69
N ALA B 79 -25.33 -6.20 -6.81
CA ALA B 79 -24.73 -6.55 -5.52
C ALA B 79 -23.43 -7.34 -5.64
N PRO B 80 -23.29 -8.35 -6.51
CA PRO B 80 -22.05 -9.14 -6.52
C PRO B 80 -20.80 -8.33 -6.84
N SER B 81 -20.94 -7.16 -7.47
CA SER B 81 -19.80 -6.29 -7.76
C SER B 81 -19.64 -5.19 -6.73
N PHE B 82 -19.99 -5.44 -5.47
CA PHE B 82 -19.96 -4.39 -4.47
C PHE B 82 -18.55 -4.13 -3.96
N LYS B 83 -17.89 -5.16 -3.43
CA LYS B 83 -16.59 -4.97 -2.80
C LYS B 83 -15.52 -4.55 -3.79
N VAL B 84 -15.49 -5.13 -4.99
CA VAL B 84 -14.50 -4.76 -5.99
C VAL B 84 -14.70 -3.33 -6.48
N LEU B 85 -15.95 -2.94 -6.77
CA LEU B 85 -16.22 -1.56 -7.15
C LEU B 85 -15.93 -0.61 -6.01
N LEU B 86 -16.13 -1.05 -4.77
CA LEU B 86 -15.81 -0.22 -3.62
C LEU B 86 -14.31 0.04 -3.53
N GLU B 87 -13.50 -1.00 -3.71
CA GLU B 87 -12.05 -0.83 -3.70
C GLU B 87 -11.60 0.06 -4.86
N GLN B 88 -12.17 -0.16 -6.04
CA GLN B 88 -11.81 0.66 -7.19
C GLN B 88 -12.21 2.12 -6.99
N ALA B 89 -13.37 2.35 -6.37
CA ALA B 89 -13.80 3.70 -6.05
C ALA B 89 -12.87 4.35 -5.03
N ARG B 90 -12.42 3.58 -4.03
CA ARG B 90 -11.47 4.12 -3.08
C ARG B 90 -10.16 4.51 -3.75
N TYR B 91 -9.69 3.68 -4.67
CA TYR B 91 -8.43 4.00 -5.35
C TYR B 91 -8.57 5.19 -6.30
N PHE B 92 -9.66 5.26 -7.07
CA PHE B 92 -9.91 6.41 -7.92
C PHE B 92 -10.18 7.68 -7.11
N TYR B 93 -10.68 7.54 -5.89
CA TYR B 93 -10.89 8.68 -5.01
C TYR B 93 -9.58 9.20 -4.43
N VAL B 94 -8.71 8.29 -3.99
CA VAL B 94 -7.44 8.72 -3.39
C VAL B 94 -6.53 9.28 -4.47
N THR B 95 -6.50 8.66 -5.65
CA THR B 95 -5.64 9.17 -6.71
C THR B 95 -6.26 10.35 -7.45
N GLU B 96 -7.59 10.50 -7.39
CA GLU B 96 -8.31 11.58 -8.05
C GLU B 96 -8.17 11.52 -9.57
N GLN B 97 -8.10 10.31 -10.12
CA GLN B 97 -8.05 10.14 -11.57
C GLN B 97 -9.37 10.55 -12.21
N SER B 98 -9.27 11.12 -13.40
CA SER B 98 -10.45 11.38 -14.24
C SER B 98 -10.97 10.04 -14.73
N VAL B 99 -12.06 9.57 -14.13
CA VAL B 99 -12.54 8.20 -14.32
C VAL B 99 -13.94 8.24 -14.93
N ARG B 100 -14.14 7.47 -15.99
CA ARG B 100 -15.48 7.28 -16.53
C ARG B 100 -16.31 6.44 -15.56
N ILE B 101 -17.52 6.88 -15.29
CA ILE B 101 -18.38 6.25 -14.29
C ILE B 101 -19.65 5.77 -14.97
N TYR B 102 -19.94 4.47 -14.85
CA TYR B 102 -21.18 3.89 -15.35
C TYR B 102 -22.17 3.77 -14.21
N TYR B 103 -23.45 3.94 -14.52
CA TYR B 103 -24.51 3.88 -13.52
C TYR B 103 -25.78 3.35 -14.16
N ASP B 104 -26.53 2.56 -13.40
CA ASP B 104 -27.86 2.14 -13.81
C ASP B 104 -28.88 3.12 -13.27
N HIS B 105 -29.93 3.35 -14.04
CA HIS B 105 -30.97 4.31 -13.68
C HIS B 105 -32.20 3.59 -13.17
N ASN B 106 -32.88 4.22 -12.21
CA ASN B 106 -34.13 3.71 -11.64
C ASN B 106 -33.92 2.32 -11.01
N VAL B 107 -33.09 2.29 -9.98
CA VAL B 107 -32.78 1.06 -9.25
C VAL B 107 -33.33 1.11 -7.83
N TRP B 108 -32.95 2.13 -7.07
CA TRP B 108 -33.39 2.23 -5.68
C TRP B 108 -34.88 2.57 -5.62
N THR B 109 -35.58 1.92 -4.69
CA THR B 109 -36.99 2.20 -4.44
C THR B 109 -37.26 2.71 -3.04
N ASN B 110 -36.26 2.74 -2.16
CA ASN B 110 -36.42 3.24 -0.80
C ASN B 110 -36.50 4.77 -0.87
N GLN B 111 -37.66 5.31 -0.50
CA GLN B 111 -37.87 6.75 -0.65
C GLN B 111 -36.90 7.59 0.18
N PRO B 112 -36.62 7.29 1.46
CA PRO B 112 -35.54 8.03 2.13
C PRO B 112 -34.20 7.91 1.45
N PHE B 113 -33.94 6.80 0.75
CA PHE B 113 -32.66 6.63 0.07
C PHE B 113 -32.61 7.41 -1.24
N VAL B 114 -33.66 7.33 -2.05
CA VAL B 114 -33.64 8.01 -3.34
C VAL B 114 -33.63 9.53 -3.17
N ASN B 115 -34.29 10.05 -2.15
CA ASN B 115 -34.35 11.48 -1.92
C ASN B 115 -33.09 12.02 -1.26
N THR B 116 -32.16 11.15 -0.87
CA THR B 116 -30.92 11.56 -0.23
C THR B 116 -29.71 11.51 -1.15
N PHE B 117 -29.55 10.45 -1.94
CA PHE B 117 -28.43 10.36 -2.88
C PHE B 117 -28.93 10.38 -4.33
N SER B 118 -29.69 9.36 -4.75
CA SER B 118 -30.07 9.21 -6.14
C SER B 118 -30.92 7.95 -6.35
N THR B 119 -31.40 7.76 -7.57
CA THR B 119 -31.91 6.48 -8.02
C THR B 119 -30.92 5.75 -8.92
N ASN B 120 -29.62 5.94 -8.67
CA ASN B 120 -28.56 5.42 -9.52
C ASN B 120 -27.76 4.37 -8.79
N ALA B 121 -27.39 3.31 -9.49
CA ALA B 121 -26.55 2.24 -8.95
C ALA B 121 -25.21 2.25 -9.65
N LEU B 122 -24.13 2.36 -8.88
CA LEU B 122 -22.79 2.28 -9.45
C LEU B 122 -22.58 0.88 -10.02
N VAL B 123 -22.16 0.82 -11.27
CA VAL B 123 -22.01 -0.46 -11.96
C VAL B 123 -20.64 -0.64 -12.60
N GLY B 124 -19.90 0.42 -12.88
CA GLY B 124 -18.60 0.27 -13.51
C GLY B 124 -17.74 1.50 -13.35
N LEU B 125 -16.45 1.29 -13.14
CA LEU B 125 -15.51 2.38 -12.87
C LEU B 125 -14.33 2.23 -13.81
N SER B 126 -14.45 2.80 -14.92
CA SER B 126 -13.39 2.69 -15.92
C SER B 126 -12.52 3.95 -15.93
N SER B 127 -11.23 3.72 -15.90
CA SER B 127 -10.28 4.83 -15.86
C SER B 127 -10.16 5.48 -17.24
N CYS B 128 -9.66 6.72 -17.23
CA CYS B 128 -9.45 7.47 -18.46
C CYS B 128 -8.08 8.13 -18.37
N SER B 129 -7.17 7.74 -19.25
CA SER B 129 -5.77 8.14 -19.16
C SER B 129 -5.47 9.44 -19.89
N ALA B 130 -6.47 10.09 -20.48
CA ALA B 130 -6.25 11.33 -21.20
C ALA B 130 -7.55 12.13 -21.23
N ALA B 131 -7.44 13.38 -21.68
CA ALA B 131 -8.61 14.24 -21.79
C ALA B 131 -9.56 13.81 -22.90
N THR B 132 -9.13 12.91 -23.79
CA THR B 132 -10.01 12.42 -24.85
C THR B 132 -9.85 10.92 -25.06
N ASP B 133 -9.26 10.20 -24.10
CA ASP B 133 -9.06 8.76 -24.19
C ASP B 133 -9.69 8.11 -22.97
N CYS B 134 -10.85 7.49 -23.16
CA CYS B 134 -11.57 6.81 -22.09
C CYS B 134 -11.73 5.34 -22.44
N PHE B 135 -11.32 4.46 -21.53
CA PHE B 135 -11.36 3.02 -21.73
C PHE B 135 -12.72 2.50 -21.29
N GLY B 136 -13.08 1.31 -21.78
CA GLY B 136 -14.32 0.69 -21.40
C GLY B 136 -15.39 0.86 -22.46
N PRO B 137 -16.58 0.32 -22.20
CA PRO B 137 -17.67 0.43 -23.16
C PRO B 137 -18.12 1.88 -23.34
N GLY B 138 -18.65 2.16 -24.53
CA GLY B 138 -19.16 3.48 -24.83
C GLY B 138 -20.23 3.41 -25.91
N LYS B 139 -21.04 4.46 -25.96
CA LYS B 139 -22.09 4.52 -26.96
C LYS B 139 -21.49 4.62 -28.36
N PRO B 140 -22.01 3.86 -29.33
CA PRO B 140 -21.51 3.89 -30.71
C PRO B 140 -21.82 5.20 -31.42
N GLU C 22 -3.60 -26.68 -17.21
CA GLU C 22 -4.04 -25.31 -16.93
C GLU C 22 -3.03 -24.59 -16.03
N TRP C 23 -2.26 -23.70 -16.63
CA TRP C 23 -1.22 -22.97 -15.92
C TRP C 23 -0.75 -21.80 -16.77
N THR C 24 -0.48 -20.68 -16.13
CA THR C 24 0.05 -19.49 -16.81
C THR C 24 1.52 -19.76 -17.10
N GLY C 25 1.80 -20.24 -18.30
CA GLY C 25 3.15 -20.65 -18.67
C GLY C 25 3.13 -21.88 -19.53
N ASP C 26 1.94 -22.43 -19.76
CA ASP C 26 1.75 -23.48 -20.75
C ASP C 26 1.78 -22.79 -22.12
N TYR C 27 3.00 -22.50 -22.58
CA TYR C 27 3.18 -21.60 -23.72
C TYR C 27 2.57 -22.15 -25.00
N GLU C 28 2.25 -23.44 -25.05
CA GLU C 28 1.49 -23.97 -26.17
C GLU C 28 0.04 -23.47 -26.15
N ASN C 29 -0.45 -23.03 -25.00
CA ASN C 29 -1.82 -22.57 -24.85
C ASN C 29 -1.91 -21.10 -24.47
N ILE C 30 -1.19 -20.67 -23.44
CA ILE C 30 -1.28 -19.32 -22.91
C ILE C 30 -0.14 -18.49 -23.50
N GLY C 31 -0.48 -17.39 -24.16
CA GLY C 31 0.51 -16.48 -24.69
C GLY C 31 0.87 -15.40 -23.69
N TYR C 32 1.86 -14.59 -24.05
CA TYR C 32 2.31 -13.53 -23.17
C TYR C 32 2.88 -12.38 -23.99
N PHE C 33 2.93 -11.21 -23.36
CA PHE C 33 3.56 -10.04 -23.95
C PHE C 33 4.43 -9.39 -22.88
N SER C 34 5.69 -9.14 -23.23
CA SER C 34 6.68 -8.66 -22.27
C SER C 34 6.92 -7.17 -22.42
N HIS C 35 7.34 -6.54 -21.31
CA HIS C 35 7.64 -5.12 -21.25
C HIS C 35 6.46 -4.29 -21.75
N GLU C 36 5.31 -4.56 -21.15
CA GLU C 36 4.07 -3.85 -21.46
C GLU C 36 3.60 -3.09 -20.24
N VAL C 37 3.22 -1.83 -20.43
CA VAL C 37 2.73 -0.98 -19.36
C VAL C 37 1.20 -0.99 -19.38
N ILE C 38 0.59 -1.24 -18.23
CA ILE C 38 -0.86 -1.22 -18.13
C ILE C 38 -1.31 0.23 -18.28
N SER C 39 -2.04 0.51 -19.37
CA SER C 39 -2.42 1.88 -19.67
C SER C 39 -3.66 2.31 -18.89
N GLU C 40 -4.79 1.65 -19.12
CA GLU C 40 -6.06 2.04 -18.50
C GLU C 40 -6.73 0.82 -17.89
N PHE C 41 -7.28 1.02 -16.69
CA PHE C 41 -7.99 -0.01 -15.95
C PHE C 41 -9.48 0.02 -16.32
N HIS C 42 -10.21 -0.96 -15.80
CA HIS C 42 -11.66 -1.00 -15.94
C HIS C 42 -12.21 -2.04 -14.98
N VAL C 43 -13.34 -1.72 -14.35
CA VAL C 43 -14.05 -2.64 -13.48
C VAL C 43 -15.53 -2.55 -13.79
N GLY C 44 -16.24 -3.66 -13.65
CA GLY C 44 -17.66 -3.68 -13.86
C GLY C 44 -18.34 -4.93 -13.35
N GLN C 45 -19.32 -5.43 -14.10
CA GLN C 45 -19.99 -6.67 -13.75
C GLN C 45 -20.67 -7.22 -15.00
N ILE C 46 -20.36 -8.47 -15.35
CA ILE C 46 -21.01 -9.17 -16.44
C ILE C 46 -21.57 -10.47 -15.89
N ASP C 47 -22.82 -10.77 -16.25
CA ASP C 47 -23.59 -11.88 -15.68
C ASP C 47 -23.54 -11.72 -14.16
N GLY C 48 -23.21 -12.76 -13.40
CA GLY C 48 -23.14 -12.68 -11.96
C GLY C 48 -21.77 -12.36 -11.39
N GLY C 49 -20.78 -12.15 -12.24
CA GLY C 49 -19.41 -11.91 -11.77
C GLY C 49 -18.95 -10.51 -12.11
N ALA C 50 -18.02 -10.00 -11.30
CA ALA C 50 -17.52 -8.63 -11.46
C ALA C 50 -16.21 -8.69 -12.23
N TYR C 51 -16.30 -8.60 -13.55
CA TYR C 51 -15.11 -8.64 -14.39
C TYR C 51 -14.31 -7.35 -14.25
N PHE C 52 -13.02 -7.44 -14.58
CA PHE C 52 -12.17 -6.27 -14.70
C PHE C 52 -11.29 -6.44 -15.94
N CYS C 53 -11.08 -5.35 -16.66
CA CYS C 53 -10.30 -5.36 -17.89
C CYS C 53 -9.20 -4.33 -17.84
N ILE C 54 -8.09 -4.63 -18.51
CA ILE C 54 -6.93 -3.75 -18.56
C ILE C 54 -6.49 -3.60 -20.02
N LYS C 55 -6.03 -2.40 -20.35
CA LYS C 55 -5.45 -2.12 -21.66
C LYS C 55 -3.96 -1.91 -21.46
N ALA C 56 -3.15 -2.67 -22.19
CA ALA C 56 -1.69 -2.63 -22.05
C ALA C 56 -1.04 -2.30 -23.37
N VAL C 57 -0.02 -1.45 -23.31
CA VAL C 57 0.80 -1.09 -24.47
C VAL C 57 2.26 -1.26 -24.10
N LYS C 58 3.11 -1.35 -25.13
CA LYS C 58 4.53 -1.55 -24.89
C LYS C 58 5.15 -0.35 -24.18
N ALA C 59 6.09 -0.64 -23.27
CA ALA C 59 6.73 0.43 -22.51
C ALA C 59 7.58 1.32 -23.41
N ASP C 60 8.27 0.72 -24.39
CA ASP C 60 9.10 1.50 -25.30
C ASP C 60 8.26 2.47 -26.12
N GLY C 61 7.07 2.04 -26.54
CA GLY C 61 6.22 2.85 -27.38
C GLY C 61 6.21 2.48 -28.84
N SER C 62 6.86 1.38 -29.22
CA SER C 62 6.90 0.96 -30.61
C SER C 62 5.72 0.10 -31.02
N ARG C 63 4.84 -0.25 -30.08
CA ARG C 63 3.69 -1.07 -30.41
C ARG C 63 2.64 -0.24 -31.14
N SER C 64 1.84 -0.92 -31.97
CA SER C 64 0.78 -0.27 -32.75
C SER C 64 -0.59 -0.45 -32.13
N THR C 65 -0.94 -1.68 -31.73
CA THR C 65 -2.24 -1.94 -31.15
C THR C 65 -2.11 -2.39 -29.70
N PRO C 66 -2.99 -1.94 -28.83
CA PRO C 66 -2.95 -2.36 -27.43
C PRO C 66 -3.56 -3.75 -27.25
N LEU C 67 -3.33 -4.32 -26.07
CA LEU C 67 -3.91 -5.60 -25.70
C LEU C 67 -4.89 -5.41 -24.57
N ILE C 68 -6.10 -5.95 -24.72
CA ILE C 68 -7.14 -5.88 -23.71
C ILE C 68 -7.25 -7.24 -23.05
N ALA C 69 -7.13 -7.27 -21.73
CA ALA C 69 -7.17 -8.52 -20.97
C ALA C 69 -8.18 -8.40 -19.85
N CYS C 70 -9.08 -9.38 -19.75
CA CYS C 70 -10.15 -9.37 -18.77
C CYS C 70 -10.11 -10.64 -17.94
N SER C 71 -10.64 -10.56 -16.73
CA SER C 71 -10.55 -11.64 -15.74
C SER C 71 -11.89 -11.86 -15.03
N VAL C 72 -12.96 -12.07 -15.81
CA VAL C 72 -14.30 -12.26 -15.29
C VAL C 72 -14.30 -13.18 -14.08
N SER C 73 -14.99 -12.76 -13.00
CA SER C 73 -14.85 -13.41 -11.71
C SER C 73 -15.59 -14.74 -11.65
N ASN C 74 -16.78 -14.81 -12.22
CA ASN C 74 -17.64 -15.97 -12.04
C ASN C 74 -17.57 -16.97 -13.18
N GLU C 75 -16.72 -16.76 -14.18
CA GLU C 75 -16.72 -17.58 -15.37
C GLU C 75 -15.28 -17.83 -15.81
N SER C 76 -15.09 -18.86 -16.63
CA SER C 76 -13.82 -19.31 -17.18
C SER C 76 -12.98 -20.02 -16.12
N VAL C 77 -12.03 -20.86 -16.57
CA VAL C 77 -11.22 -21.65 -15.67
C VAL C 77 -10.27 -20.83 -14.82
N TRP C 78 -10.05 -19.57 -15.20
CA TRP C 78 -9.15 -18.67 -14.47
C TRP C 78 -9.89 -17.82 -13.45
N ALA C 79 -11.10 -18.23 -13.06
CA ALA C 79 -11.86 -17.49 -12.06
C ALA C 79 -11.16 -17.39 -10.72
N PRO C 80 -10.60 -18.46 -10.13
CA PRO C 80 -9.97 -18.31 -8.81
C PRO C 80 -8.77 -17.38 -8.80
N SER C 81 -8.18 -17.10 -9.95
CA SER C 81 -7.08 -16.14 -10.00
C SER C 81 -7.55 -14.69 -10.02
N PHE C 82 -8.85 -14.45 -10.16
CA PHE C 82 -9.36 -13.08 -10.25
C PHE C 82 -8.87 -12.22 -9.09
N LYS C 83 -9.09 -12.70 -7.87
CA LYS C 83 -8.73 -11.90 -6.70
C LYS C 83 -7.24 -11.63 -6.61
N VAL C 84 -6.40 -12.46 -7.24
CA VAL C 84 -4.98 -12.18 -7.23
C VAL C 84 -4.56 -11.41 -8.48
N LEU C 85 -5.33 -11.51 -9.56
CA LEU C 85 -4.98 -10.78 -10.78
C LEU C 85 -5.49 -9.34 -10.74
N LEU C 86 -6.41 -9.03 -9.82
CA LEU C 86 -6.90 -7.67 -9.71
C LEU C 86 -5.91 -6.79 -8.96
N GLU C 87 -5.67 -7.11 -7.68
CA GLU C 87 -4.82 -6.26 -6.86
C GLU C 87 -3.41 -6.15 -7.43
N GLN C 88 -2.93 -7.19 -8.12
CA GLN C 88 -1.66 -7.06 -8.82
C GLN C 88 -1.77 -6.06 -9.97
N ALA C 89 -2.77 -6.24 -10.84
CA ALA C 89 -2.91 -5.34 -11.99
C ALA C 89 -3.13 -3.91 -11.54
N ARG C 90 -3.97 -3.70 -10.53
CA ARG C 90 -4.14 -2.37 -9.98
C ARG C 90 -2.80 -1.75 -9.60
N TYR C 91 -1.93 -2.54 -8.95
CA TYR C 91 -0.59 -2.05 -8.68
C TYR C 91 0.13 -1.69 -9.96
N PHE C 92 0.17 -2.63 -10.91
CA PHE C 92 0.80 -2.34 -12.19
C PHE C 92 0.08 -1.26 -12.97
N TYR C 93 -1.04 -0.75 -12.44
CA TYR C 93 -1.68 0.43 -13.01
C TYR C 93 -1.28 1.69 -12.26
N VAL C 94 -1.22 1.64 -10.93
CA VAL C 94 -0.91 2.86 -10.18
C VAL C 94 0.55 3.25 -10.40
N THR C 95 1.43 2.27 -10.50
CA THR C 95 2.82 2.48 -10.89
C THR C 95 2.99 1.91 -12.29
N GLU C 96 3.13 2.79 -13.28
CA GLU C 96 3.27 2.33 -14.66
C GLU C 96 4.60 1.61 -14.81
N GLN C 97 4.56 0.29 -14.81
CA GLN C 97 5.76 -0.53 -14.76
C GLN C 97 5.70 -1.59 -15.85
N SER C 98 6.83 -1.82 -16.51
CA SER C 98 6.91 -2.83 -17.56
C SER C 98 6.71 -4.21 -16.95
N VAL C 99 5.67 -4.92 -17.38
CA VAL C 99 5.33 -6.24 -16.89
C VAL C 99 5.12 -7.17 -18.08
N ARG C 100 5.07 -8.46 -17.80
CA ARG C 100 4.75 -9.49 -18.79
C ARG C 100 3.34 -9.97 -18.48
N ILE C 101 2.40 -9.65 -19.35
CA ILE C 101 1.01 -10.04 -19.15
C ILE C 101 0.75 -11.33 -19.92
N TYR C 102 0.13 -12.30 -19.25
CA TYR C 102 -0.23 -13.57 -19.86
C TYR C 102 -1.71 -13.55 -20.20
N TYR C 103 -2.06 -14.25 -21.28
CA TYR C 103 -3.44 -14.25 -21.74
C TYR C 103 -3.75 -15.56 -22.47
N ASP C 104 -4.95 -16.07 -22.25
CA ASP C 104 -5.45 -17.25 -22.96
C ASP C 104 -6.39 -16.75 -24.04
N HIS C 105 -6.01 -16.93 -25.29
CA HIS C 105 -6.81 -16.45 -26.40
C HIS C 105 -8.10 -17.24 -26.53
N ASN C 106 -9.17 -16.54 -26.94
CA ASN C 106 -10.48 -17.15 -27.19
C ASN C 106 -11.02 -17.84 -25.94
N VAL C 107 -11.25 -17.05 -24.91
CA VAL C 107 -11.87 -17.51 -23.67
C VAL C 107 -13.31 -17.03 -23.55
N TRP C 108 -13.53 -15.73 -23.73
CA TRP C 108 -14.87 -15.18 -23.58
C TRP C 108 -15.75 -15.55 -24.78
N THR C 109 -17.06 -15.53 -24.54
CA THR C 109 -18.07 -15.88 -25.53
C THR C 109 -19.04 -14.75 -25.82
N ASN C 110 -19.40 -13.97 -24.81
CA ASN C 110 -20.36 -12.88 -24.96
C ASN C 110 -19.92 -11.92 -26.07
N GLN C 111 -20.72 -11.83 -27.12
CA GLN C 111 -20.35 -11.00 -28.26
C GLN C 111 -20.20 -9.52 -27.91
N PRO C 112 -21.13 -8.88 -27.20
CA PRO C 112 -20.87 -7.48 -26.80
C PRO C 112 -19.62 -7.32 -25.96
N PHE C 113 -19.27 -8.34 -25.17
CA PHE C 113 -18.05 -8.29 -24.40
C PHE C 113 -16.81 -8.35 -25.29
N VAL C 114 -16.88 -9.10 -26.40
CA VAL C 114 -15.71 -9.28 -27.25
C VAL C 114 -15.64 -8.27 -28.39
N ASN C 115 -16.66 -7.43 -28.56
CA ASN C 115 -16.52 -6.28 -29.44
C ASN C 115 -15.90 -5.08 -28.72
N THR C 116 -16.43 -4.71 -27.56
CA THR C 116 -15.84 -3.62 -26.78
C THR C 116 -14.45 -3.98 -26.29
N PHE C 117 -14.28 -5.20 -25.80
CA PHE C 117 -13.01 -5.67 -25.28
C PHE C 117 -12.49 -6.80 -26.16
N SER C 118 -11.37 -7.38 -25.75
CA SER C 118 -10.76 -8.49 -26.49
C SER C 118 -11.37 -9.81 -26.03
N THR C 119 -11.00 -10.89 -26.73
CA THR C 119 -11.52 -12.22 -26.45
C THR C 119 -10.54 -13.07 -25.63
N ASN C 120 -9.46 -12.48 -25.14
CA ASN C 120 -8.47 -13.21 -24.36
C ASN C 120 -8.59 -12.85 -22.88
N ALA C 121 -8.25 -13.81 -22.03
CA ALA C 121 -8.43 -13.71 -20.59
C ALA C 121 -7.10 -13.54 -19.90
N LEU C 122 -7.00 -12.55 -19.02
CA LEU C 122 -5.80 -12.38 -18.21
C LEU C 122 -5.66 -13.57 -17.26
N VAL C 123 -4.52 -14.25 -17.32
CA VAL C 123 -4.28 -15.40 -16.48
C VAL C 123 -3.07 -15.21 -15.55
N GLY C 124 -2.11 -14.36 -15.91
CA GLY C 124 -0.94 -14.17 -15.09
C GLY C 124 -0.29 -12.84 -15.35
N LEU C 125 0.49 -12.38 -14.37
CA LEU C 125 1.07 -11.04 -14.43
C LEU C 125 2.46 -11.10 -13.81
N SER C 126 3.48 -11.18 -14.67
CA SER C 126 4.87 -11.22 -14.22
C SER C 126 5.34 -9.80 -13.89
N SER C 127 6.65 -9.63 -13.71
CA SER C 127 7.21 -8.32 -13.41
C SER C 127 8.58 -8.25 -14.08
N CYS C 128 8.70 -7.44 -15.12
CA CYS C 128 9.92 -7.36 -15.90
C CYS C 128 10.81 -6.23 -15.41
N SER C 129 12.12 -6.43 -15.55
CA SER C 129 13.13 -5.41 -15.30
C SER C 129 13.69 -4.86 -16.60
N ALA C 130 12.81 -4.66 -17.60
CA ALA C 130 13.18 -4.19 -18.93
C ALA C 130 14.17 -5.13 -19.59
N ALA C 131 14.83 -4.65 -20.65
CA ALA C 131 15.72 -5.47 -21.47
C ALA C 131 14.99 -6.72 -21.96
N THR C 132 15.34 -7.88 -21.41
CA THR C 132 14.65 -9.12 -21.75
C THR C 132 14.45 -10.02 -20.53
N ASP C 133 14.51 -9.46 -19.32
CA ASP C 133 14.45 -10.24 -18.09
C ASP C 133 13.05 -10.09 -17.49
N CYS C 134 12.21 -11.10 -17.74
CA CYS C 134 10.88 -11.18 -17.15
C CYS C 134 10.77 -12.46 -16.35
N PHE C 135 10.27 -12.36 -15.12
CA PHE C 135 10.17 -13.50 -14.21
C PHE C 135 8.90 -14.26 -14.53
N GLY C 136 9.03 -15.36 -15.27
CA GLY C 136 7.90 -16.19 -15.60
C GLY C 136 8.26 -17.27 -16.60
N PRO C 137 7.28 -18.08 -16.97
CA PRO C 137 7.50 -19.16 -17.95
C PRO C 137 7.35 -18.71 -19.41
N GLY C 138 8.39 -18.04 -19.90
CA GLY C 138 8.40 -17.62 -21.28
C GLY C 138 8.54 -18.78 -22.25
N LYS C 139 9.70 -19.43 -22.24
CA LYS C 139 10.00 -20.58 -23.09
C LYS C 139 9.69 -20.28 -24.55
N PRO C 140 10.48 -19.43 -25.21
CA PRO C 140 10.22 -19.07 -26.61
C PRO C 140 10.64 -20.17 -27.59
N GLU D 22 4.35 -27.87 11.20
CA GLU D 22 4.45 -27.14 9.95
C GLU D 22 4.96 -25.72 10.19
N TRP D 23 5.65 -25.53 11.31
CA TRP D 23 6.14 -24.20 11.65
C TRP D 23 7.24 -23.75 10.71
N THR D 24 7.31 -22.46 10.45
CA THR D 24 8.42 -21.87 9.71
C THR D 24 9.57 -21.51 10.64
N GLY D 25 9.95 -22.49 11.45
CA GLY D 25 11.09 -22.36 12.33
C GLY D 25 11.82 -23.68 12.40
N ASP D 26 11.35 -24.64 11.62
CA ASP D 26 11.94 -25.98 11.54
C ASP D 26 13.22 -25.86 10.70
N TYR D 27 14.30 -25.44 11.37
CA TYR D 27 15.58 -25.30 10.71
C TYR D 27 16.09 -26.63 10.15
N GLU D 28 15.62 -27.75 10.70
CA GLU D 28 16.02 -29.06 10.18
C GLU D 28 15.37 -29.33 8.83
N ASN D 29 14.12 -28.94 8.65
CA ASN D 29 13.36 -29.29 7.46
C ASN D 29 13.32 -28.20 6.40
N ILE D 30 13.21 -26.94 6.80
CA ILE D 30 13.08 -25.82 5.87
C ILE D 30 14.17 -24.81 6.16
N GLY D 31 14.66 -24.15 5.10
CA GLY D 31 15.71 -23.17 5.22
C GLY D 31 15.18 -21.75 5.10
N TYR D 32 16.11 -20.79 5.19
CA TYR D 32 15.76 -19.39 5.05
C TYR D 32 16.94 -18.62 4.49
N PHE D 33 16.63 -17.63 3.67
CA PHE D 33 17.60 -16.71 3.09
C PHE D 33 17.38 -15.33 3.68
N SER D 34 18.42 -14.78 4.28
CA SER D 34 18.31 -13.51 5.01
C SER D 34 18.80 -12.35 4.16
N HIS D 35 18.26 -11.16 4.45
CA HIS D 35 18.67 -9.91 3.82
C HIS D 35 18.46 -9.92 2.31
N GLU D 36 17.44 -10.64 1.85
CA GLU D 36 17.08 -10.63 0.44
C GLU D 36 16.12 -9.47 0.14
N VAL D 37 15.90 -9.21 -1.14
CA VAL D 37 14.90 -8.25 -1.60
C VAL D 37 14.13 -8.89 -2.74
N ILE D 38 12.81 -8.78 -2.70
CA ILE D 38 11.99 -9.32 -3.80
C ILE D 38 12.18 -8.42 -5.01
N SER D 39 12.84 -8.95 -6.03
CA SER D 39 13.15 -8.19 -7.24
C SER D 39 12.06 -8.28 -8.29
N GLU D 40 11.51 -9.47 -8.53
CA GLU D 40 10.49 -9.66 -9.54
C GLU D 40 9.38 -10.53 -8.97
N PHE D 41 8.13 -10.21 -9.35
CA PHE D 41 6.95 -10.80 -8.73
C PHE D 41 6.05 -11.35 -9.82
N HIS D 42 5.74 -12.64 -9.76
CA HIS D 42 4.88 -13.29 -10.73
C HIS D 42 3.62 -13.77 -10.02
N VAL D 43 2.47 -13.61 -10.67
CA VAL D 43 1.22 -14.16 -10.17
C VAL D 43 0.58 -14.97 -11.29
N GLY D 44 -0.28 -15.90 -10.90
CA GLY D 44 -0.95 -16.72 -11.90
C GLY D 44 -1.85 -17.77 -11.32
N GLN D 45 -2.16 -18.79 -12.12
CA GLN D 45 -3.08 -19.84 -11.71
C GLN D 45 -2.53 -21.17 -12.19
N ILE D 46 -2.39 -22.12 -11.28
CA ILE D 46 -1.97 -23.49 -11.61
C ILE D 46 -2.98 -24.47 -11.05
N ASP D 47 -3.35 -25.45 -11.87
CA ASP D 47 -4.18 -26.59 -11.47
C ASP D 47 -5.53 -26.17 -10.90
N GLY D 48 -5.99 -24.97 -11.22
CA GLY D 48 -7.26 -24.47 -10.73
C GLY D 48 -7.19 -23.59 -9.50
N GLY D 49 -6.00 -23.18 -9.09
CA GLY D 49 -5.87 -22.32 -7.93
C GLY D 49 -4.82 -21.26 -8.15
N ALA D 50 -5.07 -20.09 -7.57
CA ALA D 50 -4.15 -18.97 -7.70
C ALA D 50 -2.83 -19.27 -6.99
N TYR D 51 -1.76 -18.66 -7.50
CA TYR D 51 -0.45 -18.81 -6.91
C TYR D 51 0.36 -17.56 -7.21
N PHE D 52 1.37 -17.32 -6.37
CA PHE D 52 2.31 -16.22 -6.56
C PHE D 52 3.72 -16.70 -6.29
N CYS D 53 4.65 -16.22 -7.09
CA CYS D 53 6.06 -16.56 -6.92
C CYS D 53 6.89 -15.28 -6.85
N ILE D 54 7.95 -15.33 -6.05
CA ILE D 54 8.84 -14.20 -5.87
C ILE D 54 10.24 -14.61 -6.30
N LYS D 55 10.97 -13.63 -6.81
CA LYS D 55 12.38 -13.78 -7.18
C LYS D 55 13.18 -12.87 -6.26
N ALA D 56 13.80 -13.46 -5.25
CA ALA D 56 14.51 -12.71 -4.22
C ALA D 56 16.00 -12.80 -4.50
N VAL D 57 16.63 -11.63 -4.62
CA VAL D 57 18.08 -11.54 -4.77
C VAL D 57 18.64 -10.82 -3.55
N LYS D 58 19.94 -10.96 -3.36
CA LYS D 58 20.61 -10.26 -2.28
C LYS D 58 20.52 -8.75 -2.49
N ALA D 59 20.45 -8.01 -1.40
CA ALA D 59 20.38 -6.55 -1.51
C ALA D 59 21.77 -5.98 -1.74
N ASP D 60 22.48 -6.56 -2.69
CA ASP D 60 23.85 -6.22 -3.06
C ASP D 60 24.10 -6.81 -4.44
N GLY D 61 25.37 -6.82 -4.86
CA GLY D 61 25.80 -7.60 -5.99
C GLY D 61 26.53 -8.86 -5.63
N SER D 62 26.51 -9.27 -4.36
CA SER D 62 27.34 -10.40 -3.92
C SER D 62 26.83 -11.72 -4.48
N ARG D 63 25.53 -11.97 -4.38
CA ARG D 63 24.99 -13.25 -4.77
C ARG D 63 24.93 -13.36 -6.29
N SER D 64 24.95 -14.59 -6.78
CA SER D 64 24.92 -14.89 -8.21
C SER D 64 23.60 -15.51 -8.64
N THR D 65 23.20 -16.62 -8.02
CA THR D 65 21.93 -17.24 -8.34
C THR D 65 20.83 -16.69 -7.42
N PRO D 66 19.63 -16.50 -7.95
CA PRO D 66 18.55 -15.96 -7.13
C PRO D 66 17.72 -17.05 -6.46
N LEU D 67 16.86 -16.63 -5.54
CA LEU D 67 15.97 -17.54 -4.83
C LEU D 67 14.56 -17.40 -5.40
N ILE D 68 14.03 -18.49 -5.93
CA ILE D 68 12.69 -18.50 -6.52
C ILE D 68 11.78 -19.20 -5.54
N ALA D 69 10.82 -18.45 -4.97
CA ALA D 69 10.00 -18.97 -3.88
C ALA D 69 8.52 -18.79 -4.23
N CYS D 70 7.90 -19.88 -4.71
CA CYS D 70 6.49 -19.84 -5.09
C CYS D 70 5.59 -20.14 -3.89
N SER D 71 4.29 -20.02 -4.12
CA SER D 71 3.29 -20.35 -3.11
C SER D 71 1.96 -20.53 -3.84
N VAL D 72 1.41 -21.73 -3.76
CA VAL D 72 0.12 -22.05 -4.39
C VAL D 72 -0.96 -22.08 -3.31
N SER D 73 -2.17 -21.67 -3.69
CA SER D 73 -3.25 -21.50 -2.73
C SER D 73 -4.05 -22.77 -2.47
N ASN D 74 -3.78 -23.87 -3.17
CA ASN D 74 -4.51 -25.11 -2.92
C ASN D 74 -3.62 -26.34 -2.86
N GLU D 75 -2.29 -26.17 -2.84
CA GLU D 75 -1.37 -27.30 -2.87
C GLU D 75 -0.52 -27.30 -1.60
N SER D 76 -0.35 -28.50 -1.03
CA SER D 76 0.54 -28.75 0.09
C SER D 76 0.08 -28.08 1.38
N VAL D 77 0.84 -28.26 2.45
CA VAL D 77 0.45 -27.80 3.77
C VAL D 77 0.56 -26.29 3.94
N TRP D 78 1.21 -25.60 3.01
CA TRP D 78 1.40 -24.16 3.12
C TRP D 78 0.29 -23.36 2.43
N ALA D 79 -0.73 -24.04 1.92
CA ALA D 79 -1.86 -23.33 1.32
C ALA D 79 -2.57 -22.38 2.28
N PRO D 80 -2.87 -22.75 3.54
CA PRO D 80 -3.63 -21.81 4.40
C PRO D 80 -2.95 -20.46 4.59
N SER D 81 -1.61 -20.42 4.53
CA SER D 81 -0.88 -19.17 4.71
C SER D 81 -0.62 -18.44 3.40
N PHE D 82 -1.31 -18.82 2.31
CA PHE D 82 -1.09 -18.16 1.03
C PHE D 82 -1.52 -16.70 1.10
N LYS D 83 -2.80 -16.45 1.35
CA LYS D 83 -3.34 -15.09 1.34
C LYS D 83 -2.60 -14.20 2.32
N VAL D 84 -2.21 -14.73 3.47
CA VAL D 84 -1.47 -13.93 4.45
C VAL D 84 -0.09 -13.58 3.93
N LEU D 85 0.58 -14.52 3.27
CA LEU D 85 1.90 -14.24 2.71
C LEU D 85 1.81 -13.33 1.50
N LEU D 86 0.77 -13.51 0.67
CA LEU D 86 0.65 -12.72 -0.56
C LEU D 86 0.66 -11.23 -0.27
N GLU D 87 -0.08 -10.80 0.77
CA GLU D 87 -0.06 -9.39 1.15
C GLU D 87 1.29 -8.96 1.69
N GLN D 88 1.98 -9.83 2.42
CA GLN D 88 3.29 -9.45 2.97
C GLN D 88 4.35 -9.37 1.88
N ALA D 89 4.40 -10.37 0.99
CA ALA D 89 5.38 -10.36 -0.08
C ALA D 89 5.21 -9.12 -0.96
N ARG D 90 3.96 -8.75 -1.27
CA ARG D 90 3.72 -7.52 -2.01
C ARG D 90 4.34 -6.32 -1.30
N TYR D 91 4.20 -6.26 0.03
CA TYR D 91 4.80 -5.16 0.76
C TYR D 91 6.30 -5.14 0.58
N PHE D 92 6.93 -6.31 0.50
CA PHE D 92 8.37 -6.37 0.27
C PHE D 92 8.73 -6.26 -1.20
N TYR D 93 7.75 -6.40 -2.10
CA TYR D 93 8.02 -6.15 -3.52
C TYR D 93 7.82 -4.68 -3.85
N VAL D 94 6.72 -4.10 -3.39
CA VAL D 94 6.49 -2.67 -3.56
C VAL D 94 7.58 -1.87 -2.88
N THR D 95 7.87 -2.21 -1.63
CA THR D 95 8.99 -1.64 -0.88
C THR D 95 10.11 -2.65 -0.91
N GLU D 96 11.08 -2.45 -1.81
CA GLU D 96 12.17 -3.40 -1.98
C GLU D 96 13.11 -3.28 -0.78
N GLN D 97 12.67 -3.90 0.32
CA GLN D 97 13.36 -3.84 1.60
C GLN D 97 13.92 -5.20 1.97
N SER D 98 14.88 -5.19 2.88
CA SER D 98 15.47 -6.44 3.35
C SER D 98 14.40 -7.31 4.00
N VAL D 99 14.49 -8.61 3.76
CA VAL D 99 13.48 -9.55 4.24
C VAL D 99 14.12 -10.92 4.37
N ARG D 100 13.74 -11.66 5.40
CA ARG D 100 14.14 -13.05 5.58
C ARG D 100 13.05 -13.93 4.99
N ILE D 101 13.41 -14.70 3.97
CA ILE D 101 12.46 -15.53 3.24
C ILE D 101 12.66 -16.98 3.68
N TYR D 102 11.62 -17.58 4.23
CA TYR D 102 11.65 -18.97 4.66
C TYR D 102 11.07 -19.84 3.56
N TYR D 103 11.80 -20.88 3.18
CA TYR D 103 11.41 -21.73 2.06
C TYR D 103 11.62 -23.19 2.42
N ASP D 104 10.80 -24.04 1.82
CA ASP D 104 10.94 -25.49 1.93
C ASP D 104 11.83 -25.98 0.78
N HIS D 105 11.84 -27.29 0.54
CA HIS D 105 12.82 -27.79 -0.42
C HIS D 105 12.23 -28.64 -1.53
N ASN D 106 11.22 -29.47 -1.23
CA ASN D 106 10.70 -30.44 -2.19
C ASN D 106 9.18 -30.43 -2.21
N VAL D 107 8.60 -29.24 -2.34
CA VAL D 107 7.15 -29.11 -2.28
C VAL D 107 6.49 -29.34 -3.64
N TRP D 108 6.99 -28.69 -4.69
CA TRP D 108 6.33 -28.69 -5.99
C TRP D 108 6.80 -29.86 -6.82
N THR D 109 5.85 -30.55 -7.46
CA THR D 109 6.15 -31.73 -8.26
C THR D 109 5.75 -31.59 -9.73
N ASN D 110 5.08 -30.51 -10.11
CA ASN D 110 4.71 -30.31 -11.51
C ASN D 110 5.96 -30.05 -12.34
N GLN D 111 6.14 -30.85 -13.39
CA GLN D 111 7.40 -30.79 -14.14
C GLN D 111 7.62 -29.45 -14.84
N PRO D 112 6.67 -28.88 -15.58
CA PRO D 112 6.89 -27.51 -16.09
C PRO D 112 7.09 -26.49 -14.97
N PHE D 113 6.37 -26.65 -13.86
CA PHE D 113 6.53 -25.73 -12.74
C PHE D 113 7.91 -25.83 -12.12
N VAL D 114 8.41 -27.06 -11.89
CA VAL D 114 9.74 -27.20 -11.30
C VAL D 114 10.79 -26.73 -12.29
N ASN D 115 10.54 -26.89 -13.60
CA ASN D 115 11.48 -26.37 -14.59
C ASN D 115 11.56 -24.84 -14.52
N THR D 116 10.41 -24.17 -14.54
CA THR D 116 10.40 -22.71 -14.52
C THR D 116 10.80 -22.17 -13.14
N PHE D 117 10.20 -22.70 -12.09
CA PHE D 117 10.45 -22.25 -10.73
C PHE D 117 10.98 -23.39 -9.88
N SER D 118 11.89 -23.07 -8.96
CA SER D 118 12.45 -24.09 -8.09
C SER D 118 11.35 -24.74 -7.24
N THR D 119 11.66 -25.91 -6.69
CA THR D 119 10.74 -26.61 -5.81
C THR D 119 10.47 -25.87 -4.52
N ASN D 120 11.12 -24.72 -4.30
CA ASN D 120 10.95 -23.98 -3.07
C ASN D 120 9.52 -23.47 -2.94
N ALA D 121 9.01 -23.47 -1.71
CA ALA D 121 7.70 -22.94 -1.40
C ALA D 121 7.85 -21.84 -0.36
N LEU D 122 7.19 -20.71 -0.59
CA LEU D 122 7.22 -19.61 0.35
C LEU D 122 6.37 -19.96 1.56
N VAL D 123 7.02 -20.11 2.72
CA VAL D 123 6.34 -20.48 3.95
C VAL D 123 6.36 -19.36 4.97
N GLY D 124 7.24 -18.38 4.82
CA GLY D 124 7.32 -17.30 5.78
C GLY D 124 8.03 -16.10 5.18
N LEU D 125 7.84 -14.97 5.83
CA LEU D 125 8.39 -13.70 5.36
C LEU D 125 8.58 -12.79 6.55
N SER D 126 9.83 -12.55 6.94
CA SER D 126 10.14 -11.77 8.12
C SER D 126 10.96 -10.56 7.71
N SER D 127 10.57 -9.39 8.20
CA SER D 127 11.29 -8.17 7.87
C SER D 127 12.67 -8.16 8.52
N CYS D 128 13.69 -7.81 7.75
CA CYS D 128 15.06 -7.74 8.25
C CYS D 128 15.40 -6.28 8.50
N SER D 129 15.56 -5.92 9.77
CA SER D 129 15.92 -4.56 10.13
C SER D 129 17.44 -4.41 10.12
N ALA D 130 17.92 -3.43 9.36
CA ALA D 130 19.35 -3.18 9.19
C ALA D 130 20.08 -4.45 8.80
N ALA D 131 21.31 -4.62 9.30
CA ALA D 131 22.11 -5.80 9.03
C ALA D 131 22.57 -6.50 10.29
N THR D 132 22.04 -6.13 11.46
CA THR D 132 22.46 -6.74 12.71
C THR D 132 21.67 -8.00 13.05
N ASP D 133 20.42 -8.10 12.61
CA ASP D 133 19.60 -9.27 12.90
C ASP D 133 18.36 -9.24 12.02
N CYS D 134 17.73 -10.40 11.88
CA CYS D 134 16.47 -10.56 11.19
C CYS D 134 15.45 -11.17 12.15
N PHE D 135 14.26 -10.59 12.20
CA PHE D 135 13.24 -11.04 13.13
C PHE D 135 12.76 -12.44 12.76
N GLY D 136 12.35 -13.20 13.76
CA GLY D 136 11.80 -14.51 13.54
C GLY D 136 12.77 -15.62 13.91
N PRO D 137 12.43 -16.85 13.54
CA PRO D 137 13.29 -17.98 13.86
C PRO D 137 14.64 -17.89 13.17
N GLY D 138 15.64 -18.47 13.81
CA GLY D 138 16.99 -18.49 13.26
C GLY D 138 17.87 -19.54 13.91
N LYS D 139 18.77 -20.13 13.12
CA LYS D 139 19.67 -21.14 13.66
C LYS D 139 20.65 -20.49 14.64
N PRO D 140 20.83 -21.05 15.84
CA PRO D 140 21.75 -20.49 16.83
C PRO D 140 23.18 -20.98 16.65
N GLU E 22 -14.09 -12.58 27.66
CA GLU E 22 -12.86 -12.24 26.98
C GLU E 22 -12.98 -10.89 26.25
N TRP E 23 -12.09 -9.96 26.59
CA TRP E 23 -12.12 -8.62 26.03
C TRP E 23 -10.70 -8.06 26.03
N THR E 24 -10.43 -7.19 25.04
CA THR E 24 -9.11 -6.59 24.93
C THR E 24 -8.79 -5.71 26.14
N GLY E 25 -9.76 -4.92 26.60
CA GLY E 25 -9.51 -4.04 27.73
C GLY E 25 -9.88 -4.66 29.06
N ASP E 26 -9.74 -5.98 29.16
CA ASP E 26 -10.07 -6.66 30.41
C ASP E 26 -9.18 -6.22 31.55
N TYR E 27 -7.94 -5.82 31.24
CA TYR E 27 -6.96 -5.26 32.17
C TYR E 27 -6.67 -6.17 33.36
N GLU E 28 -7.21 -7.40 33.36
CA GLU E 28 -6.89 -8.41 34.35
C GLU E 28 -6.07 -9.54 33.75
N ASN E 29 -6.53 -10.11 32.64
CA ASN E 29 -5.75 -11.09 31.91
C ASN E 29 -4.92 -10.45 30.80
N ILE E 30 -5.35 -9.29 30.30
CA ILE E 30 -4.68 -8.62 29.20
C ILE E 30 -3.77 -7.54 29.76
N GLY E 31 -2.51 -7.55 29.33
CA GLY E 31 -1.59 -6.47 29.62
C GLY E 31 -1.45 -5.58 28.41
N TYR E 32 -0.85 -4.41 28.60
CA TYR E 32 -0.61 -3.51 27.48
C TYR E 32 0.73 -2.79 27.68
N PHE E 33 1.32 -2.43 26.55
CA PHE E 33 2.52 -1.60 26.52
C PHE E 33 2.23 -0.40 25.62
N SER E 34 2.37 0.80 26.17
CA SER E 34 2.02 2.03 25.47
C SER E 34 3.25 2.67 24.85
N HIS E 35 3.02 3.41 23.77
CA HIS E 35 4.06 4.14 23.05
C HIS E 35 5.16 3.19 22.56
N GLU E 36 4.75 2.21 21.76
CA GLU E 36 5.66 1.18 21.25
C GLU E 36 5.41 1.04 19.75
N VAL E 37 6.33 1.56 18.95
CA VAL E 37 6.19 1.48 17.50
C VAL E 37 6.57 0.09 17.02
N ILE E 38 5.78 -0.46 16.11
CA ILE E 38 6.03 -1.80 15.57
C ILE E 38 7.30 -1.75 14.74
N SER E 39 8.35 -2.40 15.20
CA SER E 39 9.65 -2.35 14.54
C SER E 39 9.80 -3.45 13.49
N GLU E 40 9.50 -4.69 13.86
CA GLU E 40 9.70 -5.83 12.97
C GLU E 40 8.41 -6.63 12.86
N PHE E 41 8.25 -7.30 11.72
CA PHE E 41 6.97 -7.92 11.36
C PHE E 41 7.25 -9.26 10.69
N HIS E 42 7.14 -10.36 11.44
CA HIS E 42 7.30 -11.69 10.90
C HIS E 42 5.95 -12.29 10.54
N VAL E 43 5.95 -13.10 9.48
CA VAL E 43 4.75 -13.77 8.99
C VAL E 43 5.12 -15.21 8.65
N GLY E 44 4.25 -16.14 8.99
CA GLY E 44 4.51 -17.53 8.68
C GLY E 44 3.29 -18.39 8.86
N GLN E 45 3.52 -19.70 8.95
CA GLN E 45 2.46 -20.68 9.18
C GLN E 45 2.90 -21.66 10.26
N ILE E 46 2.00 -21.95 11.21
CA ILE E 46 2.26 -22.92 12.26
C ILE E 46 1.07 -23.88 12.32
N ASP E 47 1.36 -25.18 12.29
CA ASP E 47 0.38 -26.23 12.57
C ASP E 47 -0.87 -26.14 11.70
N GLY E 48 -0.74 -25.58 10.49
CA GLY E 48 -1.85 -25.48 9.58
C GLY E 48 -2.58 -24.16 9.57
N GLY E 49 -2.10 -23.16 10.29
CA GLY E 49 -2.74 -21.86 10.30
C GLY E 49 -1.71 -20.75 10.21
N ALA E 50 -2.08 -19.71 9.48
CA ALA E 50 -1.19 -18.56 9.31
C ALA E 50 -1.05 -17.81 10.63
N TYR E 51 0.07 -17.11 10.76
CA TYR E 51 0.36 -16.35 11.97
C TYR E 51 1.28 -15.20 11.64
N PHE E 52 1.21 -14.16 12.48
CA PHE E 52 2.09 -13.00 12.33
C PHE E 52 2.52 -12.53 13.70
N CYS E 53 3.80 -12.23 13.84
CA CYS E 53 4.35 -11.70 15.08
C CYS E 53 4.89 -10.31 14.84
N ILE E 54 4.69 -9.43 15.82
CA ILE E 54 5.18 -8.06 15.77
C ILE E 54 6.17 -7.85 16.91
N LYS E 55 7.34 -7.31 16.60
CA LYS E 55 8.30 -6.89 17.59
C LYS E 55 8.30 -5.37 17.64
N ALA E 56 7.98 -4.81 18.79
CA ALA E 56 7.81 -3.38 18.95
C ALA E 56 8.71 -2.87 20.07
N VAL E 57 9.35 -1.73 19.83
CA VAL E 57 10.18 -1.07 20.82
C VAL E 57 9.59 0.33 21.06
N LYS E 58 9.98 0.92 22.18
CA LYS E 58 9.46 2.24 22.53
C LYS E 58 9.81 3.26 21.46
N ALA E 59 8.82 4.04 21.04
CA ALA E 59 9.05 5.05 20.00
C ALA E 59 9.89 6.20 20.53
N ASP E 60 9.56 6.70 21.71
CA ASP E 60 10.34 7.76 22.35
C ASP E 60 11.60 7.14 22.95
N GLY E 61 12.70 7.27 22.22
CA GLY E 61 13.95 6.67 22.68
C GLY E 61 13.86 5.16 22.70
N SER E 62 14.33 4.56 23.79
CA SER E 62 14.30 3.11 23.94
C SER E 62 14.49 2.77 25.41
N ARG E 63 13.72 1.78 25.88
CA ARG E 63 13.80 1.35 27.27
C ARG E 63 13.24 -0.07 27.37
N SER E 64 13.58 -0.73 28.47
CA SER E 64 13.10 -2.08 28.78
C SER E 64 13.53 -3.03 27.66
N THR E 65 12.77 -4.11 27.45
CA THR E 65 13.04 -5.10 26.43
C THR E 65 12.04 -4.97 25.28
N PRO E 66 12.42 -5.34 24.06
CA PRO E 66 11.45 -5.32 22.96
C PRO E 66 10.29 -6.27 23.25
N LEU E 67 9.10 -5.84 22.84
CA LEU E 67 7.88 -6.61 23.07
C LEU E 67 7.56 -7.40 21.82
N ILE E 68 7.58 -8.72 21.93
CA ILE E 68 7.23 -9.61 20.83
C ILE E 68 5.86 -10.19 21.12
N ALA E 69 4.88 -9.85 20.29
CA ALA E 69 3.51 -10.33 20.43
C ALA E 69 3.08 -10.94 19.12
N CYS E 70 2.63 -12.19 19.16
CA CYS E 70 2.28 -12.93 17.97
C CYS E 70 0.84 -13.41 18.01
N SER E 71 0.16 -13.29 16.87
CA SER E 71 -1.22 -13.75 16.73
C SER E 71 -1.24 -14.89 15.73
N VAL E 72 -1.88 -15.99 16.12
CA VAL E 72 -1.97 -17.20 15.31
C VAL E 72 -3.43 -17.44 14.97
N SER E 73 -3.72 -17.60 13.68
CA SER E 73 -5.05 -18.02 13.28
C SER E 73 -5.26 -19.49 13.60
N ASN E 74 -6.53 -19.86 13.77
CA ASN E 74 -6.97 -21.23 14.08
C ASN E 74 -6.48 -21.71 15.44
N GLU E 75 -5.87 -20.84 16.25
CA GLU E 75 -5.42 -21.21 17.57
C GLU E 75 -5.75 -20.09 18.54
N SER E 76 -5.84 -20.45 19.83
CA SER E 76 -6.16 -19.55 20.93
C SER E 76 -7.56 -18.94 20.78
N VAL E 77 -8.06 -18.32 21.85
CA VAL E 77 -9.39 -17.72 21.83
C VAL E 77 -9.43 -16.40 21.08
N TRP E 78 -8.27 -15.83 20.75
CA TRP E 78 -8.18 -14.57 20.03
C TRP E 78 -8.03 -14.76 18.52
N ALA E 79 -8.34 -15.96 18.02
CA ALA E 79 -8.30 -16.19 16.59
C ALA E 79 -9.24 -15.29 15.79
N PRO E 80 -10.49 -15.03 16.20
CA PRO E 80 -11.37 -14.20 15.35
C PRO E 80 -10.82 -12.81 15.06
N SER E 81 -10.08 -12.21 16.00
CA SER E 81 -9.49 -10.90 15.79
C SER E 81 -8.13 -10.98 15.10
N PHE E 82 -7.81 -12.09 14.46
CA PHE E 82 -6.52 -12.20 13.78
C PHE E 82 -6.44 -11.24 12.60
N LYS E 83 -7.30 -11.46 11.59
CA LYS E 83 -7.24 -10.65 10.38
C LYS E 83 -7.39 -9.17 10.70
N VAL E 84 -8.36 -8.82 11.55
CA VAL E 84 -8.58 -7.42 11.89
C VAL E 84 -7.31 -6.81 12.47
N LEU E 85 -6.59 -7.57 13.29
CA LEU E 85 -5.32 -7.05 13.80
C LEU E 85 -4.24 -7.06 12.73
N LEU E 86 -4.22 -8.10 11.89
CA LEU E 86 -3.15 -8.23 10.90
C LEU E 86 -3.06 -7.00 10.01
N GLU E 87 -4.12 -6.72 9.25
CA GLU E 87 -4.12 -5.53 8.40
C GLU E 87 -4.00 -4.24 9.18
N GLN E 88 -4.27 -4.27 10.49
CA GLN E 88 -4.01 -3.10 11.30
C GLN E 88 -2.54 -3.00 11.69
N ALA E 89 -1.93 -4.13 12.07
CA ALA E 89 -0.51 -4.11 12.41
C ALA E 89 0.32 -3.66 11.22
N ARG E 90 0.01 -4.18 10.03
CA ARG E 90 0.62 -3.69 8.81
C ARG E 90 0.48 -2.17 8.70
N TYR E 91 -0.72 -1.66 8.98
CA TYR E 91 -0.91 -0.21 8.95
C TYR E 91 -0.01 0.47 9.97
N PHE E 92 0.09 -0.09 11.17
CA PHE E 92 0.97 0.50 12.16
C PHE E 92 2.42 0.16 11.90
N TYR E 93 2.70 -0.72 10.94
CA TYR E 93 4.07 -1.01 10.54
C TYR E 93 4.52 -0.09 9.41
N VAL E 94 3.75 -0.04 8.33
CA VAL E 94 4.10 0.81 7.20
C VAL E 94 4.03 2.28 7.61
N THR E 95 3.01 2.66 8.37
CA THR E 95 2.90 4.00 8.92
C THR E 95 3.38 3.94 10.36
N GLU E 96 4.66 4.27 10.58
CA GLU E 96 5.23 4.18 11.91
C GLU E 96 4.45 5.07 12.86
N GLN E 97 3.72 4.46 13.79
CA GLN E 97 2.83 5.18 14.69
C GLN E 97 3.03 4.65 16.10
N SER E 98 3.16 5.58 17.05
CA SER E 98 3.23 5.21 18.46
C SER E 98 1.90 4.62 18.89
N VAL E 99 1.86 3.31 19.12
CA VAL E 99 0.62 2.61 19.40
C VAL E 99 0.69 1.99 20.78
N ARG E 100 -0.47 1.50 21.24
CA ARG E 100 -0.64 0.88 22.54
C ARG E 100 -1.01 -0.58 22.30
N ILE E 101 -0.04 -1.47 22.45
CA ILE E 101 -0.19 -2.87 22.09
C ILE E 101 -0.77 -3.62 23.28
N TYR E 102 -1.88 -4.31 23.06
CA TYR E 102 -2.51 -5.17 24.06
C TYR E 102 -2.11 -6.61 23.77
N TYR E 103 -1.67 -7.32 24.80
CA TYR E 103 -1.22 -8.70 24.66
C TYR E 103 -1.79 -9.56 25.79
N ASP E 104 -2.07 -10.82 25.45
CA ASP E 104 -2.53 -11.82 26.41
C ASP E 104 -1.35 -12.72 26.73
N HIS E 105 -0.69 -12.43 27.84
CA HIS E 105 0.50 -13.18 28.23
C HIS E 105 0.14 -14.63 28.58
N ASN E 106 1.07 -15.54 28.29
CA ASN E 106 0.94 -16.96 28.63
C ASN E 106 -0.26 -17.60 27.93
N VAL E 107 -0.23 -17.56 26.60
CA VAL E 107 -1.22 -18.26 25.80
C VAL E 107 -0.62 -19.30 24.86
N TRP E 108 0.62 -19.13 24.42
CA TRP E 108 1.28 -20.06 23.51
C TRP E 108 2.01 -21.13 24.29
N THR E 109 1.83 -22.39 23.89
CA THR E 109 2.41 -23.53 24.59
C THR E 109 3.45 -24.27 23.79
N ASN E 110 3.50 -24.09 22.47
CA ASN E 110 4.47 -24.79 21.62
C ASN E 110 5.87 -24.26 21.91
N GLN E 111 6.65 -25.04 22.67
CA GLN E 111 7.96 -24.57 23.12
C GLN E 111 8.88 -24.08 22.00
N PRO E 112 8.98 -24.75 20.85
CA PRO E 112 9.73 -24.15 19.74
C PRO E 112 9.20 -22.79 19.33
N PHE E 113 7.88 -22.60 19.36
CA PHE E 113 7.32 -21.28 19.07
C PHE E 113 7.69 -20.28 20.16
N VAL E 114 7.64 -20.70 21.43
CA VAL E 114 7.93 -19.79 22.53
C VAL E 114 9.39 -19.36 22.60
N ASN E 115 10.34 -20.25 22.30
CA ASN E 115 11.74 -19.86 22.43
C ASN E 115 12.16 -18.83 21.39
N THR E 116 11.34 -18.56 20.39
CA THR E 116 11.60 -17.50 19.42
C THR E 116 10.77 -16.25 19.72
N PHE E 117 9.46 -16.41 19.84
CA PHE E 117 8.55 -15.32 20.17
C PHE E 117 7.96 -15.54 21.56
N SER E 118 7.76 -14.46 22.29
CA SER E 118 7.27 -14.54 23.66
C SER E 118 5.88 -15.19 23.70
N THR E 119 5.45 -15.54 24.91
CA THR E 119 4.14 -16.15 25.13
C THR E 119 2.99 -15.19 24.81
N ASN E 120 3.27 -13.89 24.67
CA ASN E 120 2.21 -12.92 24.48
C ASN E 120 1.48 -13.15 23.15
N ALA E 121 0.18 -12.90 23.15
CA ALA E 121 -0.61 -12.89 21.94
C ALA E 121 -0.79 -11.43 21.49
N LEU E 122 -1.59 -11.23 20.45
CA LEU E 122 -1.97 -9.89 20.01
C LEU E 122 -3.48 -9.80 20.11
N VAL E 123 -3.97 -8.86 20.92
CA VAL E 123 -5.39 -8.72 21.19
C VAL E 123 -5.90 -7.30 20.97
N GLY E 124 -5.01 -6.31 20.89
CA GLY E 124 -5.44 -4.95 20.70
C GLY E 124 -4.31 -4.08 20.19
N LEU E 125 -4.68 -3.11 19.36
CA LEU E 125 -3.71 -2.22 18.73
C LEU E 125 -4.37 -0.85 18.59
N SER E 126 -4.14 0.01 19.57
CA SER E 126 -4.76 1.33 19.62
C SER E 126 -3.73 2.39 19.28
N SER E 127 -4.05 3.23 18.30
CA SER E 127 -3.17 4.33 17.94
C SER E 127 -3.11 5.35 19.06
N CYS E 128 -1.95 5.98 19.21
CA CYS E 128 -1.74 6.93 20.29
C CYS E 128 -0.97 8.12 19.75
N SER E 129 -1.22 9.30 20.32
CA SER E 129 -0.60 10.54 19.87
C SER E 129 0.29 11.08 20.98
N ALA E 130 1.60 10.96 20.79
CA ALA E 130 2.61 11.42 21.75
C ALA E 130 2.32 10.77 23.11
N ALA E 131 2.67 11.44 24.20
CA ALA E 131 2.38 10.95 25.54
C ALA E 131 1.02 11.40 26.05
N THR E 132 0.23 12.07 25.20
CA THR E 132 -1.07 12.61 25.60
C THR E 132 -2.20 11.68 25.13
N ASP E 133 -3.02 11.29 26.10
CA ASP E 133 -4.26 10.54 25.88
C ASP E 133 -4.13 9.39 24.88
N CYS E 134 -3.32 8.39 25.22
CA CYS E 134 -3.25 7.15 24.45
C CYS E 134 -4.63 6.51 24.39
N PHE E 135 -5.03 6.11 23.18
CA PHE E 135 -6.38 5.61 22.97
C PHE E 135 -6.49 4.15 23.41
N GLY E 136 -7.72 3.68 23.55
CA GLY E 136 -7.99 2.32 23.94
C GLY E 136 -8.29 2.20 25.43
N PRO E 137 -8.78 1.03 25.84
CA PRO E 137 -9.05 0.81 27.26
C PRO E 137 -7.75 0.79 28.07
N GLY E 138 -7.85 1.21 29.33
CA GLY E 138 -6.69 1.25 30.20
C GLY E 138 -7.01 0.86 31.63
N LYS E 139 -6.06 1.13 32.53
CA LYS E 139 -6.24 0.83 33.94
C LYS E 139 -6.48 2.11 34.73
N PRO E 140 -7.24 2.03 35.83
CA PRO E 140 -7.52 3.15 36.74
C PRO E 140 -6.27 3.92 37.13
N GLU F 22 -34.51 0.71 9.73
CA GLU F 22 -33.29 1.31 10.27
C GLU F 22 -32.24 1.48 9.18
N TRP F 23 -31.72 2.70 9.08
CA TRP F 23 -30.82 3.08 8.00
C TRP F 23 -29.88 4.15 8.52
N THR F 24 -28.73 4.28 7.86
CA THR F 24 -27.73 5.26 8.26
C THR F 24 -28.25 6.69 8.19
N GLY F 25 -29.25 6.96 7.36
CA GLY F 25 -29.75 8.29 7.15
C GLY F 25 -30.92 8.72 8.02
N ASP F 26 -31.34 7.91 8.99
CA ASP F 26 -32.45 8.26 9.85
C ASP F 26 -32.02 9.40 10.76
N TYR F 27 -32.44 10.63 10.43
CA TYR F 27 -32.00 11.80 11.20
C TYR F 27 -32.59 11.82 12.60
N GLU F 28 -33.72 11.15 12.83
CA GLU F 28 -34.32 11.15 14.16
C GLU F 28 -33.54 10.25 15.12
N ASN F 29 -33.06 9.11 14.64
CA ASN F 29 -32.36 8.14 15.48
C ASN F 29 -30.86 8.16 15.28
N ILE F 30 -30.41 8.19 14.02
CA ILE F 30 -28.98 8.12 13.71
C ILE F 30 -28.48 9.55 13.59
N GLY F 31 -27.73 10.00 14.60
CA GLY F 31 -27.15 11.33 14.56
C GLY F 31 -25.80 11.35 13.90
N TYR F 32 -25.38 12.55 13.52
CA TYR F 32 -24.07 12.78 12.90
C TYR F 32 -23.38 13.92 13.64
N PHE F 33 -22.13 14.18 13.26
CA PHE F 33 -21.36 15.21 13.97
C PHE F 33 -20.62 16.13 13.01
N SER F 34 -21.15 16.31 11.80
CA SER F 34 -20.73 17.38 10.87
C SER F 34 -19.24 17.20 10.55
N HIS F 35 -18.49 18.28 10.38
CA HIS F 35 -17.10 18.22 9.94
C HIS F 35 -16.22 17.77 11.10
N GLU F 36 -15.69 16.55 11.01
CA GLU F 36 -14.83 16.00 12.04
C GLU F 36 -13.69 15.25 11.38
N VAL F 37 -12.61 15.06 12.14
CA VAL F 37 -11.44 14.32 11.68
C VAL F 37 -11.17 13.19 12.66
N ILE F 38 -10.87 12.02 12.13
CA ILE F 38 -10.61 10.83 12.94
C ILE F 38 -9.21 10.96 13.53
N SER F 39 -9.13 11.12 14.85
CA SER F 39 -7.84 11.31 15.51
C SER F 39 -7.20 9.99 15.91
N GLU F 40 -7.92 9.16 16.66
CA GLU F 40 -7.41 7.89 17.17
C GLU F 40 -8.10 6.73 16.46
N PHE F 41 -7.58 5.54 16.72
CA PHE F 41 -8.10 4.32 16.12
C PHE F 41 -7.74 3.14 17.01
N HIS F 42 -8.73 2.35 17.39
CA HIS F 42 -8.52 1.18 18.22
C HIS F 42 -9.08 -0.06 17.52
N VAL F 43 -8.36 -1.17 17.65
CA VAL F 43 -8.86 -2.46 17.20
C VAL F 43 -8.67 -3.46 18.34
N GLY F 44 -9.59 -4.40 18.46
CA GLY F 44 -9.48 -5.37 19.53
C GLY F 44 -10.47 -6.49 19.35
N GLN F 45 -10.56 -7.33 20.37
CA GLN F 45 -11.50 -8.46 20.39
C GLN F 45 -12.39 -8.32 21.62
N ILE F 46 -13.69 -8.29 21.39
CA ILE F 46 -14.67 -8.36 22.45
C ILE F 46 -15.28 -9.76 22.42
N ASP F 47 -16.07 -10.08 23.45
CA ASP F 47 -16.63 -11.42 23.60
C ASP F 47 -17.26 -11.90 22.31
N GLY F 48 -16.68 -12.94 21.71
CA GLY F 48 -17.21 -13.50 20.48
C GLY F 48 -16.48 -13.10 19.22
N GLY F 49 -16.10 -11.82 19.10
CA GLY F 49 -15.57 -11.36 17.83
C GLY F 49 -14.66 -10.15 17.91
N ALA F 50 -14.41 -9.52 16.76
CA ALA F 50 -13.52 -8.38 16.67
C ALA F 50 -14.31 -7.08 16.65
N TYR F 51 -13.63 -5.99 16.95
CA TYR F 51 -14.26 -4.67 17.00
C TYR F 51 -13.20 -3.60 16.79
N PHE F 52 -13.67 -2.40 16.47
CA PHE F 52 -12.81 -1.24 16.33
C PHE F 52 -13.54 0.00 16.81
N CYS F 53 -12.76 1.01 17.18
CA CYS F 53 -13.27 2.23 17.80
C CYS F 53 -12.58 3.45 17.21
N ILE F 54 -13.33 4.55 17.19
CA ILE F 54 -12.92 5.82 16.60
C ILE F 54 -13.01 6.90 17.67
N LYS F 55 -12.13 7.89 17.59
CA LYS F 55 -12.12 9.04 18.50
C LYS F 55 -12.07 10.34 17.72
N ALA F 56 -12.97 10.48 16.76
CA ALA F 56 -13.01 11.68 15.93
C ALA F 56 -13.22 12.94 16.77
N VAL F 57 -12.46 13.99 16.45
CA VAL F 57 -12.61 15.28 17.08
C VAL F 57 -12.99 16.30 16.02
N LYS F 58 -13.18 17.56 16.41
CA LYS F 58 -13.55 18.59 15.44
C LYS F 58 -12.40 18.87 14.49
N ALA F 59 -12.71 18.88 13.19
CA ALA F 59 -11.66 19.07 12.19
C ALA F 59 -11.04 20.46 12.26
N ASP F 60 -11.88 21.49 12.46
CA ASP F 60 -11.38 22.86 12.50
C ASP F 60 -10.61 23.18 13.78
N GLY F 61 -10.66 22.30 14.77
CA GLY F 61 -9.98 22.53 16.03
C GLY F 61 -10.84 23.10 17.15
N SER F 62 -12.15 23.17 16.95
CA SER F 62 -13.03 23.69 17.99
C SER F 62 -13.13 22.71 19.15
N ARG F 63 -13.57 23.23 20.30
CA ARG F 63 -13.71 22.43 21.51
C ARG F 63 -15.07 21.75 21.51
N SER F 64 -15.08 20.44 21.31
CA SER F 64 -16.29 19.65 21.33
C SER F 64 -15.99 18.29 21.96
N THR F 65 -17.05 17.65 22.47
CA THR F 65 -16.88 16.33 23.06
C THR F 65 -16.49 15.34 21.96
N PRO F 66 -15.40 14.59 22.15
CA PRO F 66 -14.99 13.64 21.11
C PRO F 66 -16.07 12.60 20.84
N LEU F 67 -16.21 12.25 19.56
CA LEU F 67 -17.20 11.27 19.13
C LEU F 67 -16.55 9.89 19.13
N ILE F 68 -16.66 9.19 20.26
CA ILE F 68 -16.15 7.82 20.35
C ILE F 68 -17.23 6.89 19.80
N ALA F 69 -16.95 6.28 18.65
CA ALA F 69 -17.90 5.39 17.99
C ALA F 69 -17.20 4.08 17.70
N CYS F 70 -17.81 2.97 18.12
CA CYS F 70 -17.25 1.64 17.95
C CYS F 70 -18.21 0.77 17.14
N SER F 71 -17.63 -0.14 16.36
CA SER F 71 -18.39 -1.13 15.62
C SER F 71 -17.86 -2.52 15.95
N VAL F 72 -18.77 -3.43 16.27
CA VAL F 72 -18.43 -4.79 16.67
C VAL F 72 -18.86 -5.74 15.57
N SER F 73 -17.97 -6.68 15.22
CA SER F 73 -18.20 -7.56 14.08
C SER F 73 -19.35 -8.53 14.29
N ASN F 74 -19.78 -8.75 15.53
CA ASN F 74 -20.84 -9.73 15.78
C ASN F 74 -21.86 -9.23 16.79
N GLU F 75 -22.11 -7.92 16.82
CA GLU F 75 -23.07 -7.35 17.76
C GLU F 75 -23.93 -6.32 17.05
N SER F 76 -25.17 -6.18 17.52
CA SER F 76 -26.16 -5.24 17.00
C SER F 76 -26.46 -5.49 15.53
N VAL F 77 -27.34 -4.66 14.96
CA VAL F 77 -27.65 -4.75 13.53
C VAL F 77 -26.60 -4.08 12.67
N TRP F 78 -25.62 -3.39 13.27
CA TRP F 78 -24.55 -2.72 12.56
C TRP F 78 -23.33 -3.60 12.39
N ALA F 79 -23.50 -4.92 12.49
CA ALA F 79 -22.44 -5.90 12.29
C ALA F 79 -22.16 -6.17 10.81
N PRO F 80 -23.17 -6.31 9.94
CA PRO F 80 -22.87 -6.59 8.53
C PRO F 80 -22.08 -5.50 7.83
N SER F 81 -22.06 -4.28 8.37
CA SER F 81 -21.31 -3.18 7.78
C SER F 81 -20.04 -2.90 8.56
N PHE F 82 -19.54 -3.90 9.28
CA PHE F 82 -18.31 -3.73 10.04
C PHE F 82 -17.07 -3.71 9.16
N LYS F 83 -17.01 -4.59 8.15
CA LYS F 83 -15.84 -4.67 7.28
C LYS F 83 -15.69 -3.44 6.40
N VAL F 84 -16.79 -2.95 5.82
CA VAL F 84 -16.73 -1.74 5.01
C VAL F 84 -16.34 -0.55 5.87
N LEU F 85 -16.95 -0.45 7.06
CA LEU F 85 -16.67 0.67 7.95
C LEU F 85 -15.22 0.63 8.45
N LEU F 86 -14.69 -0.56 8.70
CA LEU F 86 -13.30 -0.67 9.13
C LEU F 86 -12.36 -0.12 8.07
N GLU F 87 -12.52 -0.58 6.83
CA GLU F 87 -11.63 -0.13 5.76
C GLU F 87 -11.80 1.36 5.49
N GLN F 88 -13.03 1.87 5.50
CA GLN F 88 -13.22 3.28 5.21
C GLN F 88 -12.79 4.18 6.37
N ALA F 89 -12.93 3.72 7.61
CA ALA F 89 -12.37 4.46 8.74
C ALA F 89 -10.85 4.48 8.68
N ARG F 90 -10.23 3.38 8.27
CA ARG F 90 -8.78 3.40 8.06
C ARG F 90 -8.39 4.35 6.94
N TYR F 91 -9.19 4.40 5.86
CA TYR F 91 -8.89 5.31 4.76
C TYR F 91 -9.03 6.77 5.20
N PHE F 92 -10.07 7.09 5.95
CA PHE F 92 -10.26 8.46 6.43
C PHE F 92 -9.41 8.78 7.65
N TYR F 93 -8.70 7.79 8.19
CA TYR F 93 -7.69 8.00 9.21
C TYR F 93 -6.29 8.22 8.62
N VAL F 94 -5.95 7.51 7.53
CA VAL F 94 -4.70 7.78 6.85
C VAL F 94 -4.75 9.13 6.15
N THR F 95 -5.91 9.49 5.61
CA THR F 95 -6.14 10.82 5.03
C THR F 95 -7.01 11.59 6.01
N GLU F 96 -6.42 12.57 6.70
CA GLU F 96 -7.11 13.26 7.78
C GLU F 96 -8.16 14.24 7.20
N GLN F 97 -9.11 13.66 6.48
CA GLN F 97 -10.18 14.41 5.86
C GLN F 97 -11.22 14.83 6.89
N SER F 98 -11.99 15.85 6.55
CA SER F 98 -13.19 16.17 7.30
C SER F 98 -14.28 15.15 6.96
N VAL F 99 -14.80 14.48 7.97
CA VAL F 99 -15.75 13.38 7.77
C VAL F 99 -16.96 13.60 8.66
N ARG F 100 -18.15 13.32 8.11
CA ARG F 100 -19.40 13.37 8.87
C ARG F 100 -19.68 11.95 9.34
N ILE F 101 -19.40 11.70 10.62
CA ILE F 101 -19.51 10.37 11.18
C ILE F 101 -20.88 10.20 11.82
N TYR F 102 -21.65 9.25 11.31
CA TYR F 102 -22.93 8.88 11.89
C TYR F 102 -22.70 7.86 13.00
N TYR F 103 -23.69 7.73 13.89
CA TYR F 103 -23.55 6.82 15.02
C TYR F 103 -24.91 6.54 15.61
N ASP F 104 -25.21 5.27 15.85
CA ASP F 104 -26.38 4.90 16.61
C ASP F 104 -26.06 4.94 18.10
N HIS F 105 -26.92 5.61 18.86
CA HIS F 105 -26.70 5.81 20.29
C HIS F 105 -27.44 4.74 21.08
N ASN F 106 -26.89 4.41 22.25
CA ASN F 106 -27.44 3.40 23.15
C ASN F 106 -27.55 2.04 22.45
N VAL F 107 -26.40 1.53 22.03
CA VAL F 107 -26.29 0.26 21.32
C VAL F 107 -25.56 -0.79 22.16
N TRP F 108 -24.40 -0.42 22.69
CA TRP F 108 -23.59 -1.35 23.47
C TRP F 108 -24.08 -1.41 24.91
N THR F 109 -24.29 -2.63 25.40
CA THR F 109 -24.74 -2.85 26.77
C THR F 109 -23.64 -3.40 27.67
N ASN F 110 -22.52 -3.85 27.11
CA ASN F 110 -21.39 -4.32 27.91
C ASN F 110 -20.83 -3.18 28.73
N GLN F 111 -21.00 -3.24 30.05
CA GLN F 111 -20.65 -2.10 30.90
C GLN F 111 -19.17 -1.73 30.82
N PRO F 112 -18.21 -2.66 30.94
CA PRO F 112 -16.81 -2.24 30.76
C PRO F 112 -16.54 -1.64 29.39
N PHE F 113 -17.26 -2.08 28.35
CA PHE F 113 -17.15 -1.45 27.05
C PHE F 113 -17.63 -0.01 27.09
N VAL F 114 -18.71 0.26 27.82
CA VAL F 114 -19.29 1.61 27.90
C VAL F 114 -18.49 2.54 28.81
N ASN F 115 -17.72 2.00 29.75
CA ASN F 115 -16.84 2.88 30.53
C ASN F 115 -15.63 3.37 29.73
N THR F 116 -14.97 2.48 28.99
CA THR F 116 -13.78 2.89 28.24
C THR F 116 -14.12 3.46 26.87
N PHE F 117 -15.26 3.06 26.30
CA PHE F 117 -15.71 3.59 25.02
C PHE F 117 -17.12 4.14 25.18
N SER F 118 -17.79 4.45 24.07
CA SER F 118 -19.13 5.02 24.14
C SER F 118 -20.14 4.05 23.53
N THR F 119 -21.40 4.25 23.89
CA THR F 119 -22.49 3.47 23.32
C THR F 119 -22.71 3.77 21.84
N ASN F 120 -22.08 4.82 21.32
CA ASN F 120 -22.23 5.16 19.91
C ASN F 120 -21.71 4.04 19.04
N ALA F 121 -22.60 3.49 18.19
CA ALA F 121 -22.23 2.44 17.26
C ALA F 121 -21.98 3.07 15.89
N LEU F 122 -20.78 2.86 15.35
CA LEU F 122 -20.46 3.40 14.04
C LEU F 122 -21.36 2.78 12.97
N VAL F 123 -22.07 3.63 12.23
CA VAL F 123 -22.96 3.17 11.18
C VAL F 123 -22.68 3.81 9.83
N GLY F 124 -21.97 4.94 9.79
CA GLY F 124 -21.69 5.59 8.52
C GLY F 124 -20.60 6.61 8.68
N LEU F 125 -19.90 6.88 7.56
CA LEU F 125 -18.70 7.71 7.62
C LEU F 125 -18.61 8.48 6.30
N SER F 126 -18.93 9.77 6.34
CA SER F 126 -18.99 10.59 5.14
C SER F 126 -17.63 11.20 4.84
N SER F 127 -17.58 12.10 3.85
CA SER F 127 -16.32 12.64 3.32
C SER F 127 -16.43 14.15 3.11
N CYS F 128 -16.86 14.87 4.14
CA CYS F 128 -17.03 16.33 4.07
C CYS F 128 -15.87 17.01 3.36
N SER F 129 -16.17 17.68 2.25
CA SER F 129 -15.17 18.36 1.46
C SER F 129 -15.39 19.87 1.39
N ALA F 130 -16.30 20.40 2.22
CA ALA F 130 -16.58 21.83 2.23
C ALA F 130 -16.70 22.27 3.68
N ALA F 131 -17.18 23.50 3.88
CA ALA F 131 -17.40 24.05 5.21
C ALA F 131 -18.87 24.35 5.48
N THR F 132 -19.77 23.92 4.59
CA THR F 132 -21.20 24.17 4.75
C THR F 132 -22.08 22.95 4.55
N ASP F 133 -21.62 21.92 3.86
CA ASP F 133 -22.42 20.73 3.61
C ASP F 133 -21.52 19.53 3.45
N CYS F 134 -22.10 18.35 3.62
CA CYS F 134 -21.38 17.09 3.50
C CYS F 134 -22.19 16.10 2.67
N PHE F 135 -21.48 15.16 2.07
CA PHE F 135 -22.14 14.06 1.38
C PHE F 135 -22.85 13.17 2.38
N GLY F 136 -24.08 12.77 2.05
CA GLY F 136 -24.84 11.90 2.91
C GLY F 136 -26.10 12.56 3.43
N PRO F 137 -26.97 11.77 4.04
CA PRO F 137 -28.23 12.31 4.56
C PRO F 137 -28.00 13.19 5.78
N GLY F 138 -28.96 14.08 6.01
CA GLY F 138 -28.89 14.98 7.15
C GLY F 138 -30.27 15.47 7.52
N LYS F 139 -30.33 16.20 8.63
CA LYS F 139 -31.59 16.75 9.10
C LYS F 139 -32.00 17.93 8.22
N PRO F 140 -33.21 17.91 7.64
CA PRO F 140 -33.72 18.98 6.77
C PRO F 140 -33.65 20.37 7.40
#